data_7BRH
#
_entry.id   7BRH
#
_cell.length_a   100.209
_cell.length_b   100.209
_cell.length_c   261.721
_cell.angle_alpha   90.00
_cell.angle_beta   90.00
_cell.angle_gamma   120.00
#
_symmetry.space_group_name_H-M   'P 61'
#
loop_
_entity.id
_entity.type
_entity.pdbx_description
1 polymer 'Atrial natriuretic peptide receptor 1'
2 polymer 'Natriuretic peptides A'
3 branched alpha-D-mannopyranose-(1-4)-2-acetamido-2-deoxy-beta-D-glucopyranose-(1-4)-2-acetamido-2-deoxy-beta-D-glucopyranose
4 branched alpha-D-mannopyranose-(1-3)-alpha-D-mannopyranose-(1-4)-2-acetamido-2-deoxy-beta-D-glucopyranose-(1-4)-2-acetamido-2-deoxy-beta-D-glucopyranose
5 non-polymer 'CHLORIDE ION'
6 water water
#
loop_
_entity_poly.entity_id
_entity_poly.type
_entity_poly.pdbx_seq_one_letter_code
_entity_poly.pdbx_strand_id
1 'polypeptide(L)'
;SDLTVAVVLPLTNTSYPWSWARVGPAVELALARVKARPDLLPGWTVRMVLGSSENAAGVCSDTAAPLAAVDLKWEHSPAV
FLGPGCVYSAAPVGRFTAHWRVPLLTAGAPALGIGVKDEYALTTRTGPSHVKLGDFVTALHRRLGWEHQALVLYADRLGD
DRPCFFIVEGLYMRVRERLNITVNHQEFVEGDPDHYPKLLRAVRRKGRVIYICSSPDAFRNLMLLALNAGLTGEDYVFFH
LDVFGQSLKSAQGLVPQKPWERGDGQDRSARQAFQAAKIITYKEPDNPEYLEFLKQLKLLADKKFNFTVEDGLKNIIPAS
FHDGLLLYVQAVTETLAQGGTVTDGENITQRMWNRSFQGVTGYLKIDRNGDRDTDFSLWDMDPETGAFRVVLNYNGTSQE
LMAVSEHKLYWPLGYPPPDVPKCGFDNEDPACNQD
;
A,B
2 'polypeptide(L)' SLRRSSCFGGRMDRIGAQSGLGCNSFRY L
#
loop_
_chem_comp.id
_chem_comp.type
_chem_comp.name
_chem_comp.formula
CL non-polymer 'CHLORIDE ION' 'Cl -1'
MAN D-saccharide, alpha linking alpha-D-mannopyranose 'C6 H12 O6'
NAG D-saccharide, beta linking 2-acetamido-2-deoxy-beta-D-glucopyranose 'C8 H15 N O6'
#
# COMPACT_ATOMS: atom_id res chain seq x y z
N SER A 1 -16.37 -27.51 25.71
CA SER A 1 -15.69 -27.91 26.94
C SER A 1 -14.32 -27.25 27.05
N ASP A 2 -13.83 -26.70 25.94
CA ASP A 2 -12.55 -26.00 25.94
C ASP A 2 -12.53 -24.99 24.79
N LEU A 3 -11.76 -23.91 24.99
CA LEU A 3 -11.66 -22.81 24.05
C LEU A 3 -10.28 -22.85 23.38
N THR A 4 -10.28 -22.73 22.05
CA THR A 4 -9.05 -22.72 21.26
C THR A 4 -8.75 -21.30 20.82
N VAL A 5 -7.60 -20.79 21.26
CA VAL A 5 -7.12 -19.45 20.97
C VAL A 5 -5.92 -19.59 20.05
N ALA A 6 -6.05 -19.06 18.83
CA ALA A 6 -4.95 -19.07 17.87
C ALA A 6 -4.13 -17.79 18.02
N VAL A 7 -2.81 -17.93 18.06
CA VAL A 7 -1.89 -16.80 18.19
C VAL A 7 -1.03 -16.70 16.94
N VAL A 8 -0.94 -15.50 16.36
CA VAL A 8 -0.04 -15.20 15.24
C VAL A 8 0.79 -13.98 15.66
N LEU A 9 1.97 -14.23 16.22
CA LEU A 9 2.84 -13.14 16.67
C LEU A 9 4.29 -13.53 16.43
N PRO A 10 5.27 -12.62 16.62
CA PRO A 10 6.67 -13.05 16.52
C PRO A 10 7.09 -13.99 17.65
N LEU A 11 7.25 -15.29 17.32
CA LEU A 11 7.54 -16.29 18.34
C LEU A 11 9.02 -16.36 18.71
N THR A 12 9.89 -15.86 17.86
CA THR A 12 11.33 -15.98 18.03
C THR A 12 12.02 -14.63 18.15
N ASN A 13 11.65 -13.67 17.31
CA ASN A 13 12.22 -12.34 17.43
C ASN A 13 11.62 -11.65 18.66
N THR A 14 12.50 -11.13 19.53
CA THR A 14 12.08 -10.52 20.78
C THR A 14 12.26 -9.00 20.78
N SER A 15 12.35 -8.39 19.61
CA SER A 15 12.52 -6.96 19.42
C SER A 15 11.21 -6.19 19.35
N TYR A 16 10.09 -6.87 19.15
CA TYR A 16 8.83 -6.14 18.99
C TYR A 16 8.10 -6.01 20.34
N PRO A 17 7.42 -4.88 20.57
CA PRO A 17 6.54 -4.78 21.76
C PRO A 17 5.57 -5.92 21.86
N TRP A 18 5.13 -6.48 20.72
CA TRP A 18 4.18 -7.58 20.72
C TRP A 18 4.83 -8.93 20.50
N SER A 19 6.15 -9.04 20.70
CA SER A 19 6.83 -10.34 20.61
C SER A 19 6.27 -11.32 21.64
N TRP A 20 6.37 -12.61 21.32
CA TRP A 20 5.78 -13.62 22.19
C TRP A 20 6.55 -13.74 23.50
N ALA A 21 7.87 -13.55 23.48
CA ALA A 21 8.63 -13.54 24.72
C ALA A 21 8.12 -12.53 25.74
N ARG A 22 7.13 -11.73 25.37
CA ARG A 22 6.70 -10.63 26.20
C ARG A 22 5.20 -10.70 26.28
N VAL A 23 4.57 -11.13 25.20
CA VAL A 23 3.13 -11.26 25.20
C VAL A 23 2.72 -12.62 25.77
N GLY A 24 3.51 -13.67 25.50
CA GLY A 24 3.23 -15.00 25.97
C GLY A 24 3.05 -15.13 27.47
N PRO A 25 3.99 -14.61 28.27
CA PRO A 25 3.78 -14.65 29.72
C PRO A 25 2.63 -13.76 30.17
N ALA A 26 2.40 -12.62 29.51
CA ALA A 26 1.25 -11.81 29.86
C ALA A 26 -0.06 -12.53 29.57
N VAL A 27 -0.07 -13.41 28.56
CA VAL A 27 -1.27 -14.16 28.21
C VAL A 27 -1.43 -15.34 29.16
N GLU A 28 -0.32 -15.97 29.52
CA GLU A 28 -0.37 -17.02 30.52
C GLU A 28 -0.87 -16.48 31.87
N LEU A 29 -0.44 -15.27 32.23
CA LEU A 29 -1.02 -14.62 33.40
C LEU A 29 -2.53 -14.48 33.26
N ALA A 30 -2.99 -14.05 32.08
CA ALA A 30 -4.43 -13.86 31.90
C ALA A 30 -5.17 -15.19 31.94
N LEU A 31 -4.56 -16.25 31.41
CA LEU A 31 -5.21 -17.56 31.46
C LEU A 31 -5.26 -18.10 32.88
N ALA A 32 -4.15 -17.96 33.63
CA ALA A 32 -4.12 -18.40 35.02
C ALA A 32 -5.14 -17.66 35.88
N ARG A 33 -5.45 -16.41 35.52
CA ARG A 33 -6.48 -15.68 36.22
C ARG A 33 -7.88 -16.11 35.79
N VAL A 34 -8.03 -16.62 34.57
CA VAL A 34 -9.33 -17.16 34.15
C VAL A 34 -9.63 -18.43 34.93
N LYS A 35 -8.62 -19.25 35.18
CA LYS A 35 -8.79 -20.44 36.01
C LYS A 35 -9.28 -20.07 37.41
N ALA A 36 -8.56 -19.17 38.08
CA ALA A 36 -8.87 -18.75 39.44
C ALA A 36 -10.17 -17.97 39.55
N ARG A 37 -10.83 -17.63 38.44
CA ARG A 37 -12.12 -16.95 38.51
C ARG A 37 -13.26 -17.91 38.19
N PRO A 38 -14.14 -18.20 39.14
CA PRO A 38 -15.31 -19.05 38.87
C PRO A 38 -16.42 -18.34 38.14
N ASP A 39 -16.28 -17.05 37.86
CA ASP A 39 -17.26 -16.30 37.08
C ASP A 39 -16.86 -16.16 35.61
N LEU A 40 -15.67 -16.63 35.23
CA LEU A 40 -15.16 -16.53 33.85
C LEU A 40 -14.99 -17.94 33.33
N LEU A 41 -15.83 -18.32 32.35
CA LEU A 41 -15.79 -19.61 31.67
C LEU A 41 -15.52 -20.73 32.66
N PRO A 42 -16.50 -21.07 33.51
CA PRO A 42 -16.28 -22.14 34.50
C PRO A 42 -16.29 -23.49 33.80
N GLY A 43 -15.20 -24.26 33.96
CA GLY A 43 -15.07 -25.58 33.39
C GLY A 43 -14.28 -25.62 32.09
N TRP A 44 -14.36 -24.57 31.27
CA TRP A 44 -13.61 -24.54 30.02
C TRP A 44 -12.12 -24.51 30.29
N THR A 45 -11.37 -25.32 29.55
CA THR A 45 -9.92 -25.37 29.63
C THR A 45 -9.38 -24.69 28.37
N VAL A 46 -9.08 -23.39 28.49
CA VAL A 46 -8.68 -22.60 27.32
C VAL A 46 -7.29 -23.03 26.87
N ARG A 47 -7.21 -23.54 25.63
CA ARG A 47 -5.96 -23.98 25.03
C ARG A 47 -5.49 -22.97 23.99
N MET A 48 -4.19 -22.98 23.74
CA MET A 48 -3.56 -22.02 22.85
C MET A 48 -2.71 -22.73 21.81
N VAL A 49 -2.89 -22.35 20.55
CA VAL A 49 -2.07 -22.83 19.45
C VAL A 49 -1.36 -21.63 18.85
N LEU A 50 -0.05 -21.76 18.68
CA LEU A 50 0.81 -20.64 18.29
C LEU A 50 1.18 -20.73 16.80
N GLY A 51 1.41 -19.55 16.21
CA GLY A 51 1.86 -19.44 14.83
C GLY A 51 2.73 -18.22 14.66
N SER A 52 3.90 -18.38 14.05
CA SER A 52 4.83 -17.27 13.95
C SER A 52 4.50 -16.40 12.73
N SER A 53 4.39 -15.09 12.99
CA SER A 53 4.17 -14.10 11.95
C SER A 53 5.46 -13.71 11.23
N GLU A 54 6.60 -14.22 11.65
CA GLU A 54 7.86 -13.77 11.08
C GLU A 54 8.32 -14.71 9.97
N ASN A 55 9.04 -14.15 9.00
CA ASN A 55 9.55 -14.91 7.86
C ASN A 55 10.91 -15.49 8.23
N ALA A 56 11.60 -16.01 7.21
CA ALA A 56 12.89 -16.67 7.45
C ALA A 56 13.93 -15.70 8.00
N ALA A 57 13.89 -14.43 7.57
CA ALA A 57 14.85 -13.48 8.13
C ALA A 57 14.54 -13.08 9.57
N GLY A 58 13.38 -13.47 10.11
CA GLY A 58 13.02 -13.16 11.48
C GLY A 58 12.26 -11.87 11.72
N VAL A 59 11.91 -11.12 10.68
CA VAL A 59 11.08 -9.93 10.84
C VAL A 59 9.66 -10.29 10.50
N CYS A 60 8.70 -9.51 11.02
CA CYS A 60 7.30 -9.81 10.77
C CYS A 60 7.00 -9.59 9.28
N SER A 61 6.12 -10.43 8.74
CA SER A 61 6.02 -10.69 7.32
C SER A 61 4.57 -10.60 6.87
N ASP A 62 4.34 -9.89 5.76
CA ASP A 62 3.05 -9.97 5.07
C ASP A 62 2.79 -11.32 4.42
N THR A 63 3.69 -12.30 4.55
CA THR A 63 3.49 -13.62 3.97
C THR A 63 3.46 -14.72 5.03
N ALA A 64 4.43 -14.74 5.94
CA ALA A 64 4.44 -15.79 6.97
C ALA A 64 3.20 -15.70 7.85
N ALA A 65 2.76 -14.47 8.18
CA ALA A 65 1.63 -14.30 9.09
C ALA A 65 0.31 -14.79 8.51
N PRO A 66 -0.12 -14.37 7.30
CA PRO A 66 -1.38 -14.92 6.79
C PRO A 66 -1.32 -16.43 6.52
N LEU A 67 -0.16 -16.95 6.10
CA LEU A 67 0.00 -18.40 5.98
C LEU A 67 -0.24 -19.08 7.31
N ALA A 68 0.43 -18.60 8.36
CA ALA A 68 0.22 -19.11 9.72
C ALA A 68 -1.26 -19.04 10.12
N ALA A 69 -1.96 -17.98 9.74
CA ALA A 69 -3.38 -17.86 10.05
C ALA A 69 -4.19 -18.99 9.41
N VAL A 70 -3.95 -19.25 8.12
CA VAL A 70 -4.67 -20.32 7.44
C VAL A 70 -4.30 -21.67 8.04
N ASP A 71 -3.04 -21.84 8.44
CA ASP A 71 -2.58 -23.12 8.96
C ASP A 71 -3.21 -23.43 10.33
N LEU A 72 -3.32 -22.42 11.20
CA LEU A 72 -3.99 -22.62 12.49
C LEU A 72 -5.50 -22.76 12.31
N LYS A 73 -6.06 -22.16 11.26
CA LYS A 73 -7.51 -22.17 11.11
C LYS A 73 -8.01 -23.55 10.72
N TRP A 74 -7.29 -24.22 9.83
N TRP A 74 -7.29 -24.22 9.81
CA TRP A 74 -7.71 -25.55 9.37
CA TRP A 74 -7.70 -25.55 9.37
C TRP A 74 -7.22 -26.66 10.29
C TRP A 74 -7.26 -26.63 10.34
N GLU A 75 -6.11 -26.45 10.99
CA GLU A 75 -5.59 -27.47 11.88
C GLU A 75 -6.32 -27.52 13.22
N HIS A 76 -6.76 -26.36 13.74
CA HIS A 76 -7.36 -26.31 15.06
C HIS A 76 -8.74 -25.67 15.12
N SER A 77 -9.18 -24.99 14.06
CA SER A 77 -10.47 -24.32 14.04
C SER A 77 -10.70 -23.48 15.29
N PRO A 78 -9.89 -22.46 15.52
CA PRO A 78 -9.98 -21.70 16.77
C PRO A 78 -11.20 -20.80 16.79
N ALA A 79 -11.51 -20.33 17.98
CA ALA A 79 -12.64 -19.42 18.17
C ALA A 79 -12.22 -17.97 18.16
N VAL A 80 -10.92 -17.69 18.26
CA VAL A 80 -10.45 -16.32 18.34
C VAL A 80 -8.99 -16.30 17.95
N PHE A 81 -8.57 -15.21 17.33
CA PHE A 81 -7.17 -15.01 17.00
C PHE A 81 -6.57 -13.91 17.86
N LEU A 82 -5.30 -14.09 18.21
CA LEU A 82 -4.52 -13.12 18.98
C LEU A 82 -3.32 -12.64 18.17
N GLY A 83 -3.29 -11.35 17.82
CA GLY A 83 -2.26 -10.79 16.97
C GLY A 83 -2.67 -10.86 15.50
N PRO A 84 -1.78 -10.46 14.58
CA PRO A 84 -0.43 -9.94 14.79
C PRO A 84 -0.45 -8.50 15.25
N GLY A 85 0.73 -7.99 15.61
CA GLY A 85 0.87 -6.60 15.97
C GLY A 85 1.42 -5.73 14.85
N CYS A 86 2.13 -6.31 13.89
CA CYS A 86 2.62 -5.50 12.77
C CYS A 86 1.46 -5.15 11.83
N VAL A 87 1.51 -3.95 11.24
CA VAL A 87 0.45 -3.54 10.32
C VAL A 87 0.38 -4.47 9.10
N TYR A 88 1.51 -4.70 8.44
CA TYR A 88 1.48 -5.48 7.21
C TYR A 88 1.25 -6.96 7.47
N SER A 89 1.48 -7.44 8.69
CA SER A 89 1.05 -8.79 9.07
C SER A 89 -0.43 -8.82 9.38
N ALA A 90 -0.92 -7.79 10.07
CA ALA A 90 -2.26 -7.79 10.59
C ALA A 90 -3.30 -7.51 9.52
N ALA A 91 -2.93 -6.76 8.48
CA ALA A 91 -3.93 -6.46 7.45
C ALA A 91 -4.37 -7.71 6.71
N PRO A 92 -3.49 -8.59 6.20
CA PRO A 92 -4.01 -9.80 5.54
C PRO A 92 -4.69 -10.77 6.51
N VAL A 93 -4.10 -11.01 7.69
CA VAL A 93 -4.74 -11.90 8.66
C VAL A 93 -6.10 -11.33 9.08
N GLY A 94 -6.16 -10.02 9.28
CA GLY A 94 -7.44 -9.39 9.59
C GLY A 94 -8.50 -9.65 8.55
N ARG A 95 -8.14 -9.58 7.27
N ARG A 95 -8.14 -9.57 7.28
CA ARG A 95 -9.11 -9.82 6.22
CA ARG A 95 -9.11 -9.82 6.22
C ARG A 95 -9.51 -11.29 6.16
C ARG A 95 -9.52 -11.28 6.19
N PHE A 96 -8.59 -12.20 6.45
CA PHE A 96 -8.93 -13.61 6.55
C PHE A 96 -9.93 -13.83 7.68
N THR A 97 -9.57 -13.40 8.90
CA THR A 97 -10.43 -13.65 10.06
C THR A 97 -11.80 -12.97 9.91
N ALA A 98 -11.85 -11.78 9.31
CA ALA A 98 -13.14 -11.18 8.93
C ALA A 98 -13.94 -12.12 8.03
N HIS A 99 -13.29 -12.71 7.01
CA HIS A 99 -14.01 -13.59 6.10
C HIS A 99 -14.43 -14.90 6.77
N TRP A 100 -13.59 -15.43 7.66
CA TRP A 100 -13.86 -16.64 8.42
C TRP A 100 -14.90 -16.46 9.52
N ARG A 101 -15.31 -15.22 9.82
CA ARG A 101 -16.26 -14.91 10.89
C ARG A 101 -15.70 -15.22 12.29
N VAL A 102 -14.38 -15.17 12.45
CA VAL A 102 -13.71 -15.46 13.71
C VAL A 102 -13.23 -14.14 14.31
N PRO A 103 -13.54 -13.86 15.58
CA PRO A 103 -13.07 -12.62 16.21
C PRO A 103 -11.55 -12.55 16.24
N LEU A 104 -11.05 -11.33 16.12
CA LEU A 104 -9.62 -11.06 16.16
C LEU A 104 -9.33 -10.05 17.25
N LEU A 105 -8.34 -10.36 18.09
CA LEU A 105 -7.90 -9.46 19.16
C LEU A 105 -6.43 -9.16 19.02
N THR A 106 -6.08 -7.90 19.20
CA THR A 106 -4.67 -7.50 19.11
C THR A 106 -4.52 -6.17 19.81
N ALA A 107 -3.37 -5.99 20.43
CA ALA A 107 -2.94 -4.70 20.96
C ALA A 107 -1.99 -4.00 20.01
N GLY A 108 -1.76 -4.57 18.83
CA GLY A 108 -0.97 -3.97 17.76
C GLY A 108 -1.84 -3.45 16.65
N ALA A 109 -1.31 -3.44 15.43
CA ALA A 109 -2.06 -3.04 14.25
C ALA A 109 -2.74 -1.67 14.39
N PRO A 110 -2.01 -0.65 14.81
CA PRO A 110 -2.63 0.65 15.07
C PRO A 110 -2.95 1.48 13.83
N ALA A 111 -2.79 0.93 12.62
CA ALA A 111 -2.93 1.72 11.40
C ALA A 111 -4.37 2.19 11.17
N LEU A 112 -4.48 3.29 10.43
CA LEU A 112 -5.76 3.88 10.10
C LEU A 112 -6.72 2.86 9.48
N GLY A 113 -6.23 2.08 8.52
CA GLY A 113 -7.13 1.24 7.73
C GLY A 113 -7.70 0.05 8.48
N ILE A 114 -6.98 -0.43 9.50
CA ILE A 114 -7.55 -1.45 10.38
C ILE A 114 -8.83 -0.94 11.03
N GLY A 115 -8.96 0.38 11.20
CA GLY A 115 -10.14 0.95 11.82
C GLY A 115 -11.40 0.89 10.97
N VAL A 116 -11.25 0.62 9.68
CA VAL A 116 -12.40 0.45 8.81
C VAL A 116 -13.00 -0.92 9.11
N LYS A 117 -13.85 -0.97 10.14
CA LYS A 117 -14.33 -2.26 10.62
C LYS A 117 -15.36 -2.87 9.68
N ASP A 118 -15.93 -2.05 8.78
CA ASP A 118 -16.68 -2.58 7.66
C ASP A 118 -15.88 -3.66 6.92
N GLU A 119 -14.57 -3.46 6.78
N GLU A 119 -14.56 -3.48 6.81
CA GLU A 119 -13.70 -4.49 6.19
CA GLU A 119 -13.71 -4.49 6.20
C GLU A 119 -13.13 -5.44 7.25
C GLU A 119 -13.10 -5.44 7.23
N TYR A 120 -12.45 -4.89 8.25
CA TYR A 120 -11.85 -5.70 9.32
C TYR A 120 -12.89 -5.98 10.40
N ALA A 121 -13.91 -6.73 9.98
CA ALA A 121 -15.03 -7.05 10.87
C ALA A 121 -14.56 -7.97 11.99
N LEU A 122 -15.16 -7.79 13.16
CA LEU A 122 -14.81 -8.56 14.37
C LEU A 122 -13.33 -8.45 14.74
N THR A 123 -12.67 -7.36 14.34
CA THR A 123 -11.34 -7.03 14.82
C THR A 123 -11.50 -6.05 15.98
N THR A 124 -10.95 -6.42 17.14
CA THR A 124 -11.00 -5.56 18.32
C THR A 124 -9.57 -5.19 18.70
N ARG A 125 -9.30 -3.88 18.74
CA ARG A 125 -8.02 -3.34 19.14
C ARG A 125 -8.10 -2.87 20.59
N THR A 126 -7.28 -3.49 21.44
CA THR A 126 -7.20 -3.16 22.85
C THR A 126 -5.92 -2.40 23.21
N GLY A 127 -5.02 -2.20 22.23
CA GLY A 127 -3.89 -1.32 22.38
C GLY A 127 -4.13 0.02 21.69
N PRO A 128 -3.06 0.81 21.57
CA PRO A 128 -3.18 2.13 20.93
C PRO A 128 -3.58 2.09 19.46
N SER A 129 -4.15 3.22 19.03
CA SER A 129 -4.52 3.49 17.65
C SER A 129 -3.96 4.85 17.25
N HIS A 130 -3.53 4.95 16.00
CA HIS A 130 -2.93 6.19 15.54
C HIS A 130 -3.97 7.27 15.27
N VAL A 131 -5.23 6.91 15.01
CA VAL A 131 -6.26 7.95 14.98
C VAL A 131 -6.40 8.57 16.38
N LYS A 132 -6.21 7.78 17.45
CA LYS A 132 -6.27 8.36 18.79
C LYS A 132 -5.17 9.40 19.01
N LEU A 133 -4.00 9.21 18.39
CA LEU A 133 -2.99 10.26 18.41
C LEU A 133 -3.53 11.54 17.79
N GLY A 134 -4.29 11.44 16.70
CA GLY A 134 -4.90 12.61 16.11
C GLY A 134 -5.89 13.31 17.01
N ASP A 135 -6.62 12.55 17.84
CA ASP A 135 -7.51 13.12 18.84
C ASP A 135 -6.74 13.98 19.85
N PHE A 136 -5.61 13.46 20.33
CA PHE A 136 -4.75 14.20 21.24
C PHE A 136 -4.20 15.46 20.58
N VAL A 137 -3.68 15.32 19.36
CA VAL A 137 -3.18 16.49 18.64
C VAL A 137 -4.30 17.50 18.42
N THR A 138 -5.50 17.03 18.08
CA THR A 138 -6.64 17.93 17.97
C THR A 138 -6.86 18.70 19.27
N ALA A 139 -6.95 17.98 20.39
CA ALA A 139 -7.21 18.63 21.68
C ALA A 139 -6.09 19.58 22.05
N LEU A 140 -4.87 19.20 21.70
CA LEU A 140 -3.73 20.07 21.97
C LEU A 140 -3.83 21.37 21.19
N HIS A 141 -4.24 21.29 19.92
CA HIS A 141 -4.34 22.49 19.11
C HIS A 141 -5.50 23.37 19.58
N ARG A 142 -6.65 22.75 19.88
CA ARG A 142 -7.78 23.51 20.40
C ARG A 142 -7.42 24.22 21.70
N ARG A 143 -6.63 23.59 22.55
CA ARG A 143 -6.30 24.20 23.82
C ARG A 143 -5.11 25.17 23.74
N LEU A 144 -4.56 25.40 22.54
CA LEU A 144 -3.39 26.26 22.41
C LEU A 144 -3.50 27.29 21.29
N GLY A 145 -4.65 27.40 20.63
CA GLY A 145 -4.89 28.44 19.64
C GLY A 145 -4.33 28.18 18.25
N TRP A 146 -3.64 27.06 18.05
CA TRP A 146 -3.14 26.69 16.73
C TRP A 146 -4.30 26.15 15.92
N GLU A 147 -4.81 26.96 15.00
CA GLU A 147 -5.96 26.53 14.20
C GLU A 147 -5.74 26.81 12.72
N HIS A 148 -4.48 26.83 12.28
CA HIS A 148 -4.19 27.16 10.89
C HIS A 148 -3.31 26.10 10.23
N GLN A 149 -2.10 25.92 10.71
CA GLN A 149 -1.13 25.19 9.92
C GLN A 149 -0.15 24.46 10.82
N ALA A 150 0.18 23.23 10.42
CA ALA A 150 1.20 22.45 11.08
C ALA A 150 2.01 21.71 10.03
N LEU A 151 3.23 21.37 10.40
CA LEU A 151 4.16 20.63 9.55
C LEU A 151 4.55 19.33 10.24
N VAL A 152 4.50 18.23 9.50
CA VAL A 152 4.84 16.89 9.99
C VAL A 152 6.01 16.34 9.17
N LEU A 153 7.11 16.00 9.85
CA LEU A 153 8.25 15.30 9.25
C LEU A 153 8.32 13.88 9.79
N TYR A 154 8.54 12.91 8.91
CA TYR A 154 8.59 11.53 9.34
C TYR A 154 9.57 10.76 8.48
N ALA A 155 10.17 9.73 9.08
CA ALA A 155 11.14 8.90 8.39
C ALA A 155 11.03 7.46 8.88
N ASP A 156 11.28 6.54 7.96
CA ASP A 156 11.29 5.12 8.29
C ASP A 156 12.57 4.49 7.77
N ARG A 157 12.80 3.26 8.21
CA ARG A 157 13.89 2.42 7.72
C ARG A 157 13.33 1.54 6.62
N LEU A 158 14.01 1.51 5.47
CA LEU A 158 13.47 0.71 4.37
C LEU A 158 13.35 -0.74 4.79
N GLY A 159 12.16 -1.32 4.55
CA GLY A 159 11.90 -2.72 4.82
C GLY A 159 11.28 -3.03 6.18
N ASP A 160 11.07 -2.03 7.04
CA ASP A 160 10.40 -2.24 8.31
C ASP A 160 8.89 -2.21 8.09
N ASP A 161 8.14 -2.15 9.18
CA ASP A 161 6.69 -2.06 9.12
C ASP A 161 6.21 -0.62 8.89
N ARG A 162 7.08 0.31 8.54
CA ARG A 162 6.74 1.72 8.37
C ARG A 162 5.97 2.33 9.55
N PRO A 163 6.47 2.21 10.77
CA PRO A 163 5.69 2.70 11.91
C PRO A 163 5.45 4.20 11.89
N CYS A 164 6.43 4.98 11.44
CA CYS A 164 6.25 6.42 11.42
C CYS A 164 5.28 6.85 10.34
N PHE A 165 5.29 6.19 9.19
CA PHE A 165 4.28 6.48 8.18
C PHE A 165 2.88 6.34 8.77
N PHE A 166 2.60 5.18 9.38
CA PHE A 166 1.26 4.93 9.88
C PHE A 166 0.89 5.85 11.04
N ILE A 167 1.86 6.17 11.90
CA ILE A 167 1.69 7.19 12.91
C ILE A 167 1.27 8.52 12.28
N VAL A 168 2.01 8.96 11.28
CA VAL A 168 1.68 10.24 10.66
C VAL A 168 0.36 10.16 9.92
N GLU A 169 0.04 9.00 9.37
CA GLU A 169 -1.22 8.86 8.63
C GLU A 169 -2.41 9.02 9.56
N GLY A 170 -2.33 8.39 10.73
CA GLY A 170 -3.40 8.52 11.68
C GLY A 170 -3.54 9.93 12.21
N LEU A 171 -2.42 10.55 12.57
CA LEU A 171 -2.47 11.94 13.02
C LEU A 171 -3.02 12.84 11.92
N TYR A 172 -2.54 12.65 10.69
CA TYR A 172 -2.92 13.54 9.61
C TYR A 172 -4.41 13.45 9.31
N MET A 173 -4.91 12.23 9.11
CA MET A 173 -6.30 12.07 8.71
C MET A 173 -7.27 12.50 9.80
N ARG A 174 -7.03 12.08 11.05
CA ARG A 174 -7.96 12.46 12.11
C ARG A 174 -7.94 13.96 12.35
N VAL A 175 -6.75 14.57 12.32
CA VAL A 175 -6.66 15.99 12.64
C VAL A 175 -7.34 16.83 11.57
N ARG A 176 -7.18 16.47 10.31
CA ARG A 176 -7.89 17.20 9.28
C ARG A 176 -9.37 16.87 9.26
N GLU A 177 -9.74 15.71 9.78
CA GLU A 177 -11.16 15.37 9.92
C GLU A 177 -11.85 16.25 10.95
N ARG A 178 -11.13 16.70 11.98
CA ARG A 178 -11.73 17.42 13.09
C ARG A 178 -11.37 18.90 13.14
N LEU A 179 -10.27 19.31 12.54
CA LEU A 179 -9.88 20.71 12.57
C LEU A 179 -9.82 21.35 11.20
N ASN A 180 -9.63 20.57 10.13
CA ASN A 180 -9.56 21.08 8.76
C ASN A 180 -8.55 22.21 8.62
N ILE A 181 -7.43 22.10 9.31
CA ILE A 181 -6.33 23.03 9.14
C ILE A 181 -5.33 22.40 8.16
N THR A 182 -4.37 23.21 7.70
CA THR A 182 -3.41 22.78 6.70
C THR A 182 -2.28 22.02 7.39
N VAL A 183 -2.17 20.72 7.09
CA VAL A 183 -1.17 19.85 7.70
C VAL A 183 -0.17 19.50 6.60
N ASN A 184 0.95 20.20 6.55
CA ASN A 184 1.99 19.83 5.60
C ASN A 184 2.79 18.64 6.12
N HIS A 185 3.27 17.83 5.19
CA HIS A 185 3.98 16.62 5.54
C HIS A 185 5.17 16.42 4.59
N GLN A 186 6.21 15.76 5.11
CA GLN A 186 7.42 15.49 4.34
C GLN A 186 8.10 14.23 4.87
N GLU A 187 8.40 13.30 3.97
CA GLU A 187 9.17 12.11 4.33
C GLU A 187 10.65 12.32 4.05
N PHE A 188 11.49 11.81 4.95
CA PHE A 188 12.93 11.81 4.74
C PHE A 188 13.53 10.44 5.09
N VAL A 189 14.83 10.32 4.85
CA VAL A 189 15.58 9.10 5.14
C VAL A 189 16.64 9.47 6.15
N GLU A 190 16.66 8.78 7.29
CA GLU A 190 17.49 9.25 8.38
C GLU A 190 18.96 9.22 8.00
N GLY A 191 19.40 8.20 7.28
CA GLY A 191 20.81 8.11 6.97
C GLY A 191 21.29 8.95 5.81
N ASP A 192 20.40 9.70 5.16
CA ASP A 192 20.74 10.42 3.94
C ASP A 192 20.97 11.89 4.26
N PRO A 193 22.21 12.39 4.19
CA PRO A 193 22.47 13.77 4.64
C PRO A 193 21.87 14.79 3.71
N ASP A 194 21.55 14.39 2.48
CA ASP A 194 20.96 15.34 1.53
C ASP A 194 19.65 15.90 2.05
N HIS A 195 18.94 15.14 2.87
CA HIS A 195 17.61 15.54 3.31
C HIS A 195 17.64 16.61 4.39
N TYR A 196 18.76 16.76 5.07
CA TYR A 196 18.79 17.65 6.22
C TYR A 196 18.76 19.11 5.81
N PRO A 197 19.49 19.54 4.76
CA PRO A 197 19.23 20.88 4.23
C PRO A 197 17.79 21.05 3.80
N LYS A 198 17.23 20.03 3.14
CA LYS A 198 15.84 20.10 2.70
C LYS A 198 14.88 20.20 3.86
N LEU A 199 15.09 19.41 4.92
CA LEU A 199 14.21 19.48 6.08
C LEU A 199 14.30 20.84 6.76
N LEU A 200 15.51 21.29 7.09
CA LEU A 200 15.66 22.57 7.77
C LEU A 200 15.01 23.68 6.96
N ARG A 201 15.13 23.63 5.64
CA ARG A 201 14.49 24.61 4.78
C ARG A 201 12.97 24.49 4.86
N ALA A 202 12.45 23.26 4.89
CA ALA A 202 11.00 23.09 5.01
C ALA A 202 10.51 23.45 6.40
N VAL A 203 11.37 23.30 7.41
CA VAL A 203 10.97 23.68 8.75
C VAL A 203 10.67 25.17 8.80
N ARG A 204 11.51 25.98 8.16
CA ARG A 204 11.34 27.43 8.16
C ARG A 204 10.62 27.92 6.92
N ARG A 205 9.64 27.18 6.42
CA ARG A 205 8.96 27.56 5.20
C ARG A 205 7.57 26.95 5.18
N LYS A 206 7.38 25.86 5.91
CA LYS A 206 6.13 25.11 5.85
C LYS A 206 5.38 25.04 7.17
N GLY A 207 5.97 25.45 8.29
CA GLY A 207 5.22 25.42 9.54
C GLY A 207 6.01 26.01 10.68
N ARG A 208 5.30 26.26 11.78
CA ARG A 208 5.95 26.60 13.04
C ARG A 208 5.56 25.66 14.16
N VAL A 209 4.38 25.05 14.09
CA VAL A 209 4.03 23.91 14.92
C VAL A 209 4.46 22.66 14.15
N ILE A 210 5.51 22.00 14.64
CA ILE A 210 6.24 20.99 13.87
C ILE A 210 6.26 19.69 14.64
N TYR A 211 5.65 18.65 14.06
CA TYR A 211 5.69 17.28 14.58
C TYR A 211 6.72 16.48 13.81
N ILE A 212 7.57 15.74 14.53
CA ILE A 212 8.61 14.91 13.92
C ILE A 212 8.51 13.50 14.46
N CYS A 213 8.33 12.53 13.55
CA CYS A 213 8.34 11.11 13.90
C CYS A 213 9.63 10.53 13.35
N SER A 214 10.56 10.20 14.23
CA SER A 214 11.87 9.70 13.85
C SER A 214 12.52 9.03 15.05
N SER A 215 13.74 8.56 14.85
CA SER A 215 14.53 8.00 15.93
C SER A 215 14.94 9.11 16.90
N PRO A 216 15.33 8.74 18.13
CA PRO A 216 15.83 9.76 19.07
C PRO A 216 16.99 10.57 18.49
N ASP A 217 17.98 9.88 17.91
CA ASP A 217 19.16 10.57 17.39
C ASP A 217 18.82 11.50 16.24
N ALA A 218 17.94 11.07 15.33
CA ALA A 218 17.55 11.96 14.24
C ALA A 218 16.86 13.21 14.78
N PHE A 219 15.92 13.02 15.72
CA PHE A 219 15.27 14.17 16.31
C PHE A 219 16.27 15.06 17.03
N ARG A 220 17.27 14.45 17.67
CA ARG A 220 18.29 15.22 18.37
C ARG A 220 19.12 16.04 17.38
N ASN A 221 19.62 15.38 16.33
CA ASN A 221 20.40 16.07 15.31
C ASN A 221 19.59 17.17 14.65
N LEU A 222 18.31 16.91 14.37
CA LEU A 222 17.47 17.94 13.80
C LEU A 222 17.38 19.14 14.75
N MET A 223 17.28 18.90 16.06
CA MET A 223 17.21 20.02 17.01
C MET A 223 18.52 20.80 17.01
N LEU A 224 19.66 20.10 17.04
CA LEU A 224 20.95 20.78 17.01
C LEU A 224 21.09 21.67 15.79
N LEU A 225 20.67 21.18 14.61
CA LEU A 225 20.72 22.01 13.41
C LEU A 225 19.73 23.17 13.48
N ALA A 226 18.60 22.99 14.17
CA ALA A 226 17.63 24.07 14.27
C ALA A 226 18.13 25.18 15.19
N LEU A 227 18.85 24.82 16.26
CA LEU A 227 19.48 25.84 17.09
C LEU A 227 20.61 26.52 16.33
N ASN A 228 21.46 25.72 15.68
CA ASN A 228 22.56 26.26 14.90
C ASN A 228 22.08 27.25 13.84
N ALA A 229 20.85 27.09 13.35
CA ALA A 229 20.27 27.97 12.36
C ALA A 229 19.33 29.01 12.97
N GLY A 230 19.28 29.09 14.31
CA GLY A 230 18.51 30.13 14.99
C GLY A 230 17.01 29.92 14.99
N LEU A 231 16.57 28.69 15.31
CA LEU A 231 15.16 28.37 15.47
C LEU A 231 14.93 28.04 16.94
N THR A 232 14.27 28.95 17.65
CA THR A 232 14.08 28.85 19.09
C THR A 232 12.61 28.79 19.43
N GLY A 233 12.34 28.52 20.72
CA GLY A 233 10.98 28.33 21.21
C GLY A 233 10.11 29.56 21.15
N GLU A 234 10.69 30.71 20.80
CA GLU A 234 9.89 31.92 20.63
C GLU A 234 9.08 31.90 19.33
N ASP A 235 9.45 31.05 18.38
CA ASP A 235 8.76 31.01 17.09
C ASP A 235 8.35 29.60 16.72
N TYR A 236 9.14 28.61 17.14
CA TYR A 236 8.94 27.23 16.73
C TYR A 236 8.75 26.33 17.95
N VAL A 237 7.93 25.31 17.77
CA VAL A 237 7.83 24.22 18.73
C VAL A 237 7.94 22.89 17.99
N PHE A 238 8.82 22.03 18.48
CA PHE A 238 9.12 20.75 17.85
C PHE A 238 8.61 19.63 18.74
N PHE A 239 7.52 18.98 18.34
CA PHE A 239 7.01 17.81 19.04
C PHE A 239 7.65 16.54 18.48
N HIS A 240 8.20 15.71 19.38
CA HIS A 240 8.76 14.42 18.97
C HIS A 240 7.70 13.35 19.19
N LEU A 241 7.24 12.74 18.11
CA LEU A 241 6.20 11.70 18.14
C LEU A 241 6.85 10.36 18.53
N ASP A 242 7.20 10.26 19.81
CA ASP A 242 7.93 9.12 20.33
C ASP A 242 7.01 8.33 21.26
N VAL A 243 6.04 7.63 20.66
CA VAL A 243 4.92 7.15 21.46
C VAL A 243 5.36 6.09 22.45
N PHE A 244 6.40 5.32 22.15
CA PHE A 244 6.92 4.36 23.10
C PHE A 244 8.02 4.91 23.97
N GLY A 245 8.23 6.22 23.93
CA GLY A 245 9.27 6.85 24.73
C GLY A 245 10.66 6.28 24.48
N GLN A 246 11.00 5.99 23.23
CA GLN A 246 12.34 5.46 22.96
C GLN A 246 13.41 6.45 23.35
N SER A 247 13.12 7.74 23.30
CA SER A 247 14.11 8.74 23.65
C SER A 247 14.22 8.96 25.15
N LEU A 248 13.48 8.21 25.97
CA LEU A 248 13.47 8.38 27.41
C LEU A 248 13.71 7.03 28.09
N LYS A 249 14.17 7.08 29.34
CA LYS A 249 14.26 5.87 30.15
C LYS A 249 12.88 5.52 30.72
N SER A 250 12.83 4.46 31.52
CA SER A 250 11.57 4.01 32.08
C SER A 250 11.14 4.91 33.24
N ALA A 251 9.84 4.88 33.54
CA ALA A 251 9.26 5.69 34.61
C ALA A 251 9.47 5.08 35.99
N GLN A 252 10.18 3.96 36.09
CA GLN A 252 10.39 3.30 37.37
C GLN A 252 11.55 3.93 38.13
N GLY A 253 12.72 4.01 37.51
CA GLY A 253 13.88 4.64 38.13
C GLY A 253 14.55 5.61 37.16
N LEU A 254 15.88 5.57 37.15
CA LEU A 254 16.70 6.34 36.22
C LEU A 254 16.37 7.83 36.28
N VAL A 255 16.25 8.35 37.50
CA VAL A 255 15.97 9.77 37.71
C VAL A 255 17.27 10.55 37.54
N PRO A 256 17.28 11.64 36.74
CA PRO A 256 16.16 12.20 35.98
C PRO A 256 16.12 11.77 34.51
N GLN A 257 15.24 12.39 33.72
CA GLN A 257 14.99 12.02 32.33
C GLN A 257 15.63 13.04 31.40
N LYS A 258 16.69 12.62 30.71
CA LYS A 258 17.45 13.50 29.81
C LYS A 258 17.62 12.88 28.44
N PRO A 259 16.79 13.28 27.46
CA PRO A 259 16.94 12.74 26.10
C PRO A 259 18.02 13.45 25.29
N TRP A 260 18.29 14.71 25.60
CA TRP A 260 19.35 15.45 24.91
C TRP A 260 20.75 15.03 25.35
N GLU A 261 20.87 14.25 26.41
CA GLU A 261 22.18 13.82 26.88
C GLU A 261 22.67 12.65 26.05
N ARG A 262 23.92 12.74 25.59
CA ARG A 262 24.48 11.71 24.72
C ARG A 262 25.96 11.43 24.95
N GLY A 263 26.73 12.32 25.57
CA GLY A 263 28.12 12.02 25.89
C GLY A 263 29.09 12.28 24.76
N ASP A 264 28.71 13.08 23.77
CA ASP A 264 29.53 13.40 22.62
C ASP A 264 30.00 14.85 22.63
N GLY A 265 30.07 15.47 23.81
CA GLY A 265 30.48 16.86 23.90
C GLY A 265 29.53 17.83 23.25
N GLN A 266 28.46 17.35 22.64
CA GLN A 266 27.42 18.22 22.12
C GLN A 266 26.28 18.43 23.11
N ASP A 267 26.37 17.82 24.30
CA ASP A 267 25.23 17.80 25.23
C ASP A 267 24.87 19.19 25.72
N ARG A 268 25.85 20.07 25.88
CA ARG A 268 25.53 21.43 26.27
C ARG A 268 24.76 22.15 25.16
N SER A 269 25.15 21.93 23.91
CA SER A 269 24.41 22.50 22.78
C SER A 269 23.02 21.91 22.67
N ALA A 270 22.91 20.59 22.84
CA ALA A 270 21.62 19.89 22.70
C ALA A 270 20.60 20.40 23.73
N ARG A 271 21.04 20.68 24.96
CA ARG A 271 20.11 21.13 25.98
C ARG A 271 19.50 22.47 25.62
N GLN A 272 20.31 23.42 25.14
CA GLN A 272 19.76 24.69 24.71
C GLN A 272 18.80 24.49 23.55
N ALA A 273 19.15 23.61 22.60
CA ALA A 273 18.25 23.31 21.50
C ALA A 273 16.94 22.72 22.02
N PHE A 274 17.02 21.70 22.87
CA PHE A 274 15.84 20.99 23.35
C PHE A 274 14.92 21.86 24.19
N GLN A 275 15.30 23.11 24.45
CA GLN A 275 14.36 24.02 25.09
C GLN A 275 13.11 24.25 24.25
N ALA A 276 13.21 24.07 22.93
CA ALA A 276 12.07 24.24 22.02
C ALA A 276 11.33 22.94 21.75
N ALA A 277 11.67 21.88 22.46
CA ALA A 277 11.25 20.54 22.12
C ALA A 277 10.39 19.93 23.22
N LYS A 278 9.29 19.28 22.82
CA LYS A 278 8.41 18.54 23.72
C LYS A 278 8.14 17.17 23.12
N ILE A 279 8.00 16.16 23.98
CA ILE A 279 7.90 14.77 23.55
C ILE A 279 6.49 14.25 23.84
N ILE A 280 5.85 13.69 22.83
CA ILE A 280 4.54 13.07 22.97
C ILE A 280 4.74 11.56 23.06
N THR A 281 4.17 10.96 24.09
CA THR A 281 4.30 9.53 24.34
C THR A 281 2.94 8.98 24.76
N TYR A 282 2.83 7.67 24.75
CA TYR A 282 1.74 7.04 25.49
C TYR A 282 1.89 7.34 26.98
N LYS A 283 0.76 7.26 27.69
CA LYS A 283 0.75 7.48 29.14
C LYS A 283 1.10 6.19 29.86
N GLU A 284 2.03 6.27 30.81
CA GLU A 284 2.30 5.16 31.73
C GLU A 284 1.07 4.93 32.60
N PRO A 285 0.53 3.71 32.66
CA PRO A 285 -0.57 3.44 33.60
C PRO A 285 -0.13 3.70 35.03
N ASP A 286 -1.03 4.30 35.82
CA ASP A 286 -0.78 4.72 37.19
C ASP A 286 -1.10 3.65 38.22
N ASN A 287 -2.23 2.98 38.05
CA ASN A 287 -2.80 2.06 39.01
C ASN A 287 -1.79 1.07 39.55
N PRO A 288 -1.93 0.67 40.81
CA PRO A 288 -0.99 -0.30 41.39
C PRO A 288 -1.14 -1.70 40.82
N GLU A 289 -2.28 -2.03 40.20
CA GLU A 289 -2.38 -3.33 39.55
C GLU A 289 -1.35 -3.46 38.43
N TYR A 290 -1.05 -2.34 37.74
CA TYR A 290 -0.06 -2.37 36.65
C TYR A 290 1.31 -2.76 37.17
N LEU A 291 1.76 -2.08 38.23
CA LEU A 291 3.08 -2.39 38.79
C LEU A 291 3.17 -3.84 39.26
N GLU A 292 2.10 -4.36 39.88
CA GLU A 292 2.09 -5.77 40.27
C GLU A 292 2.14 -6.68 39.05
N PHE A 293 1.43 -6.29 37.99
CA PHE A 293 1.49 -7.03 36.73
C PHE A 293 2.91 -7.04 36.17
N LEU A 294 3.60 -5.90 36.23
CA LEU A 294 4.97 -5.84 35.71
C LEU A 294 5.86 -6.82 36.45
N LYS A 295 5.74 -6.88 37.78
CA LYS A 295 6.52 -7.83 38.57
C LYS A 295 6.23 -9.28 38.16
N GLN A 296 4.95 -9.63 38.00
CA GLN A 296 4.63 -11.01 37.61
C GLN A 296 5.02 -11.28 36.16
N LEU A 297 4.91 -10.28 35.29
CA LEU A 297 5.36 -10.46 33.92
C LEU A 297 6.87 -10.70 33.86
N LYS A 298 7.65 -9.88 34.56
CA LYS A 298 9.09 -10.08 34.58
C LYS A 298 9.45 -11.47 35.11
N LEU A 299 8.77 -11.91 36.18
CA LEU A 299 9.07 -13.22 36.74
C LEU A 299 8.72 -14.32 35.76
N LEU A 300 7.52 -14.27 35.17
CA LEU A 300 7.08 -15.37 34.33
C LEU A 300 7.83 -15.43 32.99
N ALA A 301 8.29 -14.27 32.48
CA ALA A 301 9.05 -14.28 31.23
C ALA A 301 10.46 -14.78 31.45
N ASP A 302 11.10 -14.36 32.53
CA ASP A 302 12.40 -14.88 32.88
C ASP A 302 12.33 -16.36 33.24
N LYS A 303 11.14 -16.85 33.60
CA LYS A 303 10.94 -18.25 34.01
C LYS A 303 10.74 -19.13 32.79
N LYS A 304 9.58 -19.04 32.14
CA LYS A 304 9.20 -19.96 31.10
C LYS A 304 9.44 -19.42 29.68
N PHE A 305 10.14 -18.29 29.55
CA PHE A 305 10.45 -17.73 28.24
C PHE A 305 11.89 -17.30 28.05
N ASN A 306 12.74 -17.46 29.07
CA ASN A 306 14.18 -17.17 28.97
C ASN A 306 14.43 -15.75 28.49
N PHE A 307 13.53 -14.83 28.79
CA PHE A 307 13.62 -13.47 28.32
C PHE A 307 13.54 -12.53 29.52
N THR A 308 14.26 -11.42 29.41
CA THR A 308 14.33 -10.41 30.46
C THR A 308 13.50 -9.20 30.05
N VAL A 309 12.32 -9.04 30.64
CA VAL A 309 11.44 -7.93 30.33
C VAL A 309 11.92 -6.71 31.10
N GLU A 310 12.46 -5.72 30.39
CA GLU A 310 12.88 -4.48 31.02
C GLU A 310 11.71 -3.52 31.12
N ASP A 311 11.90 -2.49 31.95
CA ASP A 311 10.86 -1.50 32.12
C ASP A 311 10.76 -0.58 30.91
N GLY A 312 9.54 -0.17 30.61
CA GLY A 312 9.34 0.87 29.62
C GLY A 312 7.92 0.87 29.12
N LEU A 313 7.60 1.94 28.38
CA LEU A 313 6.28 2.11 27.79
C LEU A 313 5.85 0.94 26.91
N LYS A 314 6.81 0.20 26.34
CA LYS A 314 6.44 -0.89 25.45
C LYS A 314 5.66 -1.97 26.18
N ASN A 315 5.79 -2.05 27.50
CA ASN A 315 5.08 -3.05 28.26
C ASN A 315 3.57 -2.82 28.29
N ILE A 316 3.07 -1.67 27.84
CA ILE A 316 1.63 -1.53 27.78
C ILE A 316 1.02 -2.42 26.71
N ILE A 317 1.83 -2.90 25.76
CA ILE A 317 1.33 -3.77 24.69
C ILE A 317 1.06 -5.16 25.25
N PRO A 318 2.01 -5.84 25.91
CA PRO A 318 1.63 -7.10 26.56
C PRO A 318 0.55 -6.91 27.61
N ALA A 319 0.61 -5.83 28.40
CA ALA A 319 -0.46 -5.57 29.36
C ALA A 319 -1.82 -5.45 28.66
N SER A 320 -1.87 -4.88 27.45
CA SER A 320 -3.17 -4.77 26.80
C SER A 320 -3.61 -6.08 26.18
N PHE A 321 -2.68 -6.89 25.67
CA PHE A 321 -3.04 -8.25 25.28
C PHE A 321 -3.69 -8.99 26.45
N HIS A 322 -3.04 -8.95 27.62
CA HIS A 322 -3.58 -9.53 28.84
C HIS A 322 -5.00 -9.04 29.11
N ASP A 323 -5.19 -7.72 29.16
CA ASP A 323 -6.51 -7.14 29.43
C ASP A 323 -7.52 -7.51 28.35
N GLY A 324 -7.13 -7.44 27.08
CA GLY A 324 -8.06 -7.77 26.01
C GLY A 324 -8.54 -9.20 26.10
N LEU A 325 -7.64 -10.12 26.45
CA LEU A 325 -8.01 -11.52 26.63
C LEU A 325 -9.07 -11.68 27.72
N LEU A 326 -8.84 -11.06 28.87
CA LEU A 326 -9.83 -11.16 29.94
C LEU A 326 -11.14 -10.49 29.53
N LEU A 327 -11.05 -9.34 28.87
CA LEU A 327 -12.24 -8.69 28.33
C LEU A 327 -12.99 -9.61 27.36
N TYR A 328 -12.26 -10.45 26.64
CA TYR A 328 -12.90 -11.38 25.72
C TYR A 328 -13.52 -12.56 26.47
N VAL A 329 -12.77 -13.15 27.42
CA VAL A 329 -13.28 -14.29 28.18
C VAL A 329 -14.59 -13.94 28.87
N GLN A 330 -14.65 -12.74 29.45
CA GLN A 330 -15.90 -12.29 30.06
C GLN A 330 -17.01 -12.20 29.02
N ALA A 331 -16.71 -11.68 27.84
CA ALA A 331 -17.73 -11.53 26.81
C ALA A 331 -18.25 -12.88 26.33
N VAL A 332 -17.36 -13.86 26.21
CA VAL A 332 -17.81 -15.23 25.91
C VAL A 332 -18.71 -15.74 27.02
N THR A 333 -18.27 -15.59 28.28
CA THR A 333 -19.08 -16.06 29.40
C THR A 333 -20.45 -15.38 29.41
N GLU A 334 -20.49 -14.07 29.10
CA GLU A 334 -21.80 -13.41 28.96
C GLU A 334 -22.60 -13.99 27.79
N THR A 335 -21.94 -14.31 26.67
CA THR A 335 -22.67 -14.88 25.54
C THR A 335 -23.19 -16.28 25.89
N LEU A 336 -22.34 -17.12 26.50
CA LEU A 336 -22.80 -18.40 27.00
C LEU A 336 -23.96 -18.24 27.98
N ALA A 337 -23.93 -17.18 28.79
CA ALA A 337 -24.95 -16.93 29.81
C ALA A 337 -26.31 -16.58 29.22
N GLN A 338 -26.39 -16.33 27.92
CA GLN A 338 -27.67 -16.04 27.28
C GLN A 338 -27.93 -17.01 26.12
N GLY A 339 -27.40 -18.23 26.21
CA GLY A 339 -27.67 -19.24 25.22
C GLY A 339 -26.77 -19.23 24.01
N GLY A 340 -25.92 -18.22 23.85
CA GLY A 340 -25.01 -18.18 22.74
C GLY A 340 -23.92 -19.25 22.85
N THR A 341 -23.05 -19.24 21.86
CA THR A 341 -21.93 -20.16 21.78
C THR A 341 -20.63 -19.37 21.66
N VAL A 342 -19.52 -20.08 21.75
CA VAL A 342 -18.22 -19.44 21.61
C VAL A 342 -17.94 -19.00 20.19
N THR A 343 -18.77 -19.38 19.23
CA THR A 343 -18.57 -19.00 17.85
C THR A 343 -19.50 -17.88 17.39
N ASP A 344 -20.32 -17.33 18.28
CA ASP A 344 -21.15 -16.18 17.94
C ASP A 344 -20.24 -14.95 17.91
N GLY A 345 -19.43 -14.85 16.85
CA GLY A 345 -18.47 -13.77 16.76
C GLY A 345 -19.09 -12.40 16.90
N GLU A 346 -20.21 -12.18 16.20
CA GLU A 346 -20.83 -10.86 16.24
C GLU A 346 -21.37 -10.52 17.61
N ASN A 347 -22.03 -11.50 18.28
CA ASN A 347 -22.56 -11.27 19.62
C ASN A 347 -21.44 -10.97 20.60
N ILE A 348 -20.39 -11.81 20.61
CA ILE A 348 -19.23 -11.61 21.48
C ILE A 348 -18.60 -10.23 21.24
N THR A 349 -18.36 -9.90 19.98
CA THR A 349 -17.71 -8.64 19.64
C THR A 349 -18.51 -7.44 20.12
N GLN A 350 -19.85 -7.47 19.96
CA GLN A 350 -20.67 -6.32 20.38
C GLN A 350 -20.74 -6.19 21.90
N ARG A 351 -20.57 -7.29 22.63
CA ARG A 351 -20.46 -7.17 24.07
C ARG A 351 -19.17 -6.47 24.46
N MET A 352 -18.10 -6.67 23.68
CA MET A 352 -16.82 -6.04 23.95
C MET A 352 -16.78 -4.58 23.53
N TRP A 353 -17.61 -4.19 22.57
CA TRP A 353 -17.53 -2.87 21.99
C TRP A 353 -18.41 -1.87 22.73
N ASN A 354 -17.96 -0.62 22.73
CA ASN A 354 -18.64 0.45 23.45
C ASN A 354 -18.84 0.07 24.91
N ARG A 355 -17.73 -0.30 25.56
CA ARG A 355 -17.76 -0.91 26.87
C ARG A 355 -16.52 -0.49 27.65
N SER A 356 -16.71 -0.13 28.92
CA SER A 356 -15.61 0.16 29.82
C SER A 356 -15.25 -1.09 30.62
N PHE A 357 -13.97 -1.21 30.97
CA PHE A 357 -13.45 -2.42 31.58
C PHE A 357 -12.31 -2.04 32.51
N GLN A 358 -12.11 -2.86 33.54
CA GLN A 358 -11.04 -2.63 34.50
C GLN A 358 -10.00 -3.72 34.34
N GLY A 359 -8.80 -3.33 33.93
CA GLY A 359 -7.70 -4.26 33.78
C GLY A 359 -6.44 -3.72 34.43
N VAL A 360 -5.37 -4.52 34.31
CA VAL A 360 -4.08 -4.13 34.88
C VAL A 360 -3.62 -2.77 34.34
N THR A 361 -4.07 -2.39 33.13
CA THR A 361 -3.80 -1.05 32.65
C THR A 361 -4.78 -0.02 33.22
N GLY A 362 -5.56 -0.41 34.21
CA GLY A 362 -6.54 0.47 34.80
C GLY A 362 -7.84 0.53 34.02
N TYR A 363 -8.41 1.73 33.97
CA TYR A 363 -9.63 1.95 33.20
C TYR A 363 -9.31 1.92 31.71
N LEU A 364 -9.96 1.01 30.99
CA LEU A 364 -9.80 0.93 29.54
C LEU A 364 -11.18 0.87 28.90
N LYS A 365 -11.39 1.75 27.92
CA LYS A 365 -12.67 1.89 27.23
C LYS A 365 -12.51 1.47 25.77
N ILE A 366 -13.27 0.46 25.36
CA ILE A 366 -13.44 0.15 23.93
C ILE A 366 -14.51 1.08 23.35
N ASP A 367 -14.18 1.79 22.27
CA ASP A 367 -15.13 2.75 21.73
C ASP A 367 -16.17 2.01 20.88
N ARG A 368 -17.08 2.78 20.25
CA ARG A 368 -18.09 2.16 19.39
C ARG A 368 -17.45 1.43 18.22
N ASN A 369 -16.27 1.87 17.78
CA ASN A 369 -15.60 1.29 16.63
C ASN A 369 -14.80 0.04 16.94
N GLY A 370 -14.70 -0.35 18.20
CA GLY A 370 -13.94 -1.53 18.56
C GLY A 370 -12.49 -1.26 18.91
N ASP A 371 -12.11 0.00 19.14
CA ASP A 371 -10.73 0.38 19.41
C ASP A 371 -10.60 1.02 20.79
N ARG A 372 -9.58 0.61 21.53
CA ARG A 372 -9.35 1.16 22.86
C ARG A 372 -8.99 2.64 22.78
N ASP A 373 -9.69 3.48 23.56
CA ASP A 373 -9.26 4.86 23.73
C ASP A 373 -7.86 4.90 24.31
N THR A 374 -7.05 5.86 23.87
CA THR A 374 -5.64 5.88 24.21
C THR A 374 -5.27 7.17 24.90
N ASP A 375 -4.64 7.06 26.06
CA ASP A 375 -4.21 8.22 26.82
C ASP A 375 -2.77 8.55 26.43
N PHE A 376 -2.45 9.85 26.36
CA PHE A 376 -1.15 10.33 25.97
C PHE A 376 -0.59 11.24 27.06
N SER A 377 0.74 11.26 27.18
CA SER A 377 1.42 12.20 28.05
C SER A 377 2.22 13.17 27.18
N LEU A 378 2.40 14.39 27.69
CA LEU A 378 3.25 15.37 27.03
C LEU A 378 4.42 15.68 27.96
N TRP A 379 5.63 15.42 27.49
CA TRP A 379 6.82 15.68 28.28
C TRP A 379 7.41 17.04 27.89
N ASP A 380 7.86 17.78 28.90
CA ASP A 380 8.49 19.08 28.71
C ASP A 380 9.69 19.16 29.64
N MET A 381 10.65 20.01 29.29
CA MET A 381 11.84 20.16 30.12
C MET A 381 11.67 21.25 31.15
N ASP A 382 12.30 21.04 32.30
CA ASP A 382 12.36 22.05 33.35
C ASP A 382 13.50 23.02 33.02
N PRO A 383 13.20 24.29 32.74
CA PRO A 383 14.29 25.22 32.37
C PRO A 383 15.37 25.34 33.43
N GLU A 384 15.10 24.94 34.68
CA GLU A 384 16.11 24.99 35.72
C GLU A 384 17.10 23.84 35.59
N THR A 385 16.61 22.61 35.67
CA THR A 385 17.48 21.43 35.64
C THR A 385 17.75 20.94 34.23
N GLY A 386 16.81 21.14 33.31
CA GLY A 386 16.94 20.67 31.95
C GLY A 386 16.31 19.31 31.69
N ALA A 387 15.92 18.59 32.74
CA ALA A 387 15.33 17.27 32.57
C ALA A 387 13.87 17.37 32.14
N PHE A 388 13.41 16.33 31.46
CA PHE A 388 12.05 16.30 30.93
C PHE A 388 11.12 15.60 31.90
N ARG A 389 9.89 16.10 32.00
CA ARG A 389 8.88 15.48 32.86
C ARG A 389 7.50 15.73 32.28
N VAL A 390 6.57 14.84 32.63
CA VAL A 390 5.18 14.95 32.19
C VAL A 390 4.57 16.24 32.76
N VAL A 391 4.02 17.06 31.88
CA VAL A 391 3.34 18.28 32.30
C VAL A 391 1.87 18.29 31.87
N LEU A 392 1.48 17.45 30.93
CA LEU A 392 0.10 17.37 30.46
C LEU A 392 -0.27 15.91 30.23
N ASN A 393 -1.53 15.60 30.48
CA ASN A 393 -2.05 14.25 30.31
C ASN A 393 -3.40 14.34 29.61
N TYR A 394 -3.57 13.46 28.64
CA TYR A 394 -4.77 13.42 27.82
C TYR A 394 -5.53 12.13 28.11
N ASN A 395 -6.74 12.27 28.61
CA ASN A 395 -7.63 11.14 28.77
C ASN A 395 -8.35 10.91 27.45
N GLY A 396 -8.15 9.74 26.86
CA GLY A 396 -8.67 9.50 25.52
C GLY A 396 -10.16 9.31 25.48
N THR A 397 -10.75 8.79 26.57
CA THR A 397 -12.20 8.59 26.58
C THR A 397 -12.93 9.92 26.73
N SER A 398 -12.48 10.74 27.67
CA SER A 398 -13.09 12.03 27.91
C SER A 398 -12.51 13.15 27.04
N GLN A 399 -11.39 12.89 26.36
CA GLN A 399 -10.73 13.87 25.50
C GLN A 399 -10.44 15.17 26.26
N GLU A 400 -9.88 15.04 27.45
CA GLU A 400 -9.55 16.16 28.30
C GLU A 400 -8.05 16.23 28.55
N LEU A 401 -7.52 17.45 28.51
CA LEU A 401 -6.13 17.73 28.86
C LEU A 401 -6.08 18.22 30.30
N MET A 402 -5.43 17.44 31.17
CA MET A 402 -5.27 17.77 32.58
C MET A 402 -3.80 18.03 32.87
N ALA A 403 -3.51 19.16 33.52
CA ALA A 403 -2.15 19.43 33.97
C ALA A 403 -1.72 18.41 35.01
N VAL A 404 -0.42 18.17 35.09
CA VAL A 404 0.13 17.07 35.85
C VAL A 404 1.07 17.64 36.90
N SER A 405 0.76 17.38 38.17
CA SER A 405 1.61 17.81 39.29
C SER A 405 1.87 19.31 39.24
N GLU A 406 0.82 20.07 38.89
CA GLU A 406 0.85 21.53 38.95
C GLU A 406 1.97 22.10 38.07
N HIS A 407 2.37 21.36 37.05
CA HIS A 407 3.39 21.88 36.16
C HIS A 407 2.76 22.77 35.11
N LYS A 408 3.60 23.59 34.50
CA LYS A 408 3.18 24.47 33.41
C LYS A 408 3.96 24.14 32.15
N LEU A 409 3.35 24.42 30.99
CA LEU A 409 4.01 24.20 29.71
C LEU A 409 5.03 25.32 29.47
N TYR A 410 6.31 24.94 29.31
CA TYR A 410 7.37 25.93 29.18
C TYR A 410 7.33 26.61 27.81
N TRP A 411 7.36 27.95 27.81
CA TRP A 411 7.41 28.77 26.61
C TRP A 411 8.45 29.86 26.82
N PRO A 412 9.40 30.03 25.90
CA PRO A 412 10.37 31.11 26.07
C PRO A 412 9.75 32.49 26.02
N LEU A 413 8.56 32.62 25.42
CA LEU A 413 7.85 33.88 25.34
C LEU A 413 6.69 33.97 26.32
N GLY A 414 6.63 33.07 27.31
CA GLY A 414 5.55 33.03 28.26
C GLY A 414 4.24 32.46 27.75
N TYR A 415 4.06 32.36 26.43
CA TYR A 415 2.89 31.73 25.84
C TYR A 415 3.31 31.06 24.54
N PRO A 416 2.53 30.11 24.03
CA PRO A 416 2.95 29.37 22.85
C PRO A 416 3.03 30.28 21.64
N PRO A 417 3.98 30.03 20.75
CA PRO A 417 4.12 30.86 19.53
C PRO A 417 3.02 30.56 18.53
N PRO A 418 2.69 31.49 17.65
CA PRO A 418 1.57 31.27 16.73
C PRO A 418 1.93 30.29 15.62
N ASP A 419 0.93 29.51 15.22
CA ASP A 419 1.13 28.52 14.17
C ASP A 419 1.34 29.16 12.80
N VAL A 420 1.16 30.47 12.67
CA VAL A 420 1.46 31.21 11.46
C VAL A 420 2.33 32.41 11.85
N PRO A 421 3.43 32.68 11.14
CA PRO A 421 4.31 33.79 11.55
C PRO A 421 3.71 35.17 11.29
N LYS A 422 4.53 36.22 11.48
CA LYS A 422 4.09 37.61 11.42
C LYS A 422 3.35 37.94 10.13
N CYS A 423 4.11 38.26 9.08
CA CYS A 423 3.54 38.71 7.81
C CYS A 423 3.67 37.60 6.76
N GLY A 424 2.98 36.50 7.06
CA GLY A 424 3.05 35.30 6.24
C GLY A 424 4.37 34.57 6.40
N PHE A 425 4.50 33.43 5.73
CA PHE A 425 5.73 32.64 5.87
C PHE A 425 6.90 33.26 5.11
N ASP A 426 6.65 34.10 4.10
CA ASP A 426 7.71 34.78 3.38
C ASP A 426 8.51 35.73 4.30
N SER B 1 3.12 -38.12 -14.83
CA SER B 1 2.25 -38.60 -15.91
C SER B 1 1.22 -37.56 -16.29
N ASP B 2 1.02 -36.56 -15.44
CA ASP B 2 0.10 -35.47 -15.75
C ASP B 2 0.51 -34.22 -14.98
N LEU B 3 0.16 -33.06 -15.53
CA LEU B 3 0.56 -31.76 -15.03
C LEU B 3 -0.65 -31.02 -14.49
N THR B 4 -0.56 -30.54 -13.25
CA THR B 4 -1.63 -29.82 -12.58
C THR B 4 -1.34 -28.32 -12.63
N VAL B 5 -2.24 -27.58 -13.28
CA VAL B 5 -2.15 -26.14 -13.44
C VAL B 5 -3.25 -25.51 -12.60
N ALA B 6 -2.85 -24.71 -11.61
CA ALA B 6 -3.81 -24.01 -10.77
C ALA B 6 -4.07 -22.62 -11.34
N VAL B 7 -5.34 -22.23 -11.38
CA VAL B 7 -5.77 -20.96 -11.92
C VAL B 7 -6.46 -20.14 -10.83
N VAL B 8 -6.05 -18.87 -10.68
CA VAL B 8 -6.69 -17.93 -9.76
C VAL B 8 -7.02 -16.68 -10.58
N LEU B 9 -8.25 -16.62 -11.09
CA LEU B 9 -8.68 -15.50 -11.91
C LEU B 9 -10.15 -15.24 -11.63
N PRO B 10 -10.73 -14.14 -12.17
CA PRO B 10 -12.19 -13.95 -12.06
C PRO B 10 -12.99 -14.97 -12.87
N LEU B 11 -13.59 -15.95 -12.19
CA LEU B 11 -14.30 -17.02 -12.89
C LEU B 11 -15.70 -16.61 -13.30
N THR B 12 -16.30 -15.65 -12.61
CA THR B 12 -17.68 -15.25 -12.84
C THR B 12 -17.78 -13.86 -13.45
N ASN B 13 -17.04 -12.90 -12.92
CA ASN B 13 -17.08 -11.56 -13.46
C ASN B 13 -16.33 -11.54 -14.78
N THR B 14 -16.98 -11.02 -15.82
CA THR B 14 -16.40 -11.04 -17.17
C THR B 14 -16.03 -9.64 -17.67
N SER B 15 -15.76 -8.71 -16.77
CA SER B 15 -15.43 -7.33 -17.07
C SER B 15 -13.93 -7.08 -17.19
N TYR B 16 -13.09 -7.99 -16.69
CA TYR B 16 -11.64 -7.83 -16.65
C TYR B 16 -11.00 -8.42 -17.92
N PRO B 17 -9.96 -7.77 -18.44
CA PRO B 17 -9.20 -8.37 -19.55
C PRO B 17 -8.72 -9.77 -19.24
N TRP B 18 -8.46 -10.10 -17.97
CA TRP B 18 -8.01 -11.42 -17.59
C TRP B 18 -9.10 -12.29 -16.99
N SER B 19 -10.38 -11.96 -17.23
CA SER B 19 -11.50 -12.80 -16.78
C SER B 19 -11.42 -14.19 -17.43
N TRP B 20 -12.02 -15.17 -16.76
CA TRP B 20 -11.94 -16.54 -17.25
C TRP B 20 -12.78 -16.75 -18.51
N ALA B 21 -13.92 -16.05 -18.64
CA ALA B 21 -14.73 -16.11 -19.83
C ALA B 21 -13.94 -15.80 -21.10
N ARG B 22 -12.76 -15.26 -20.96
CA ARG B 22 -11.90 -14.83 -22.03
C ARG B 22 -10.52 -15.47 -21.97
N VAL B 23 -10.00 -15.72 -20.77
CA VAL B 23 -8.72 -16.38 -20.64
C VAL B 23 -8.91 -17.90 -20.72
N GLY B 24 -10.02 -18.41 -20.19
CA GLY B 24 -10.33 -19.83 -20.20
C GLY B 24 -10.29 -20.47 -21.58
N PRO B 25 -11.03 -19.93 -22.55
CA PRO B 25 -10.94 -20.49 -23.92
C PRO B 25 -9.57 -20.32 -24.53
N ALA B 26 -8.86 -19.23 -24.24
CA ALA B 26 -7.51 -19.09 -24.77
C ALA B 26 -6.55 -20.11 -24.15
N VAL B 27 -6.82 -20.52 -22.91
CA VAL B 27 -6.03 -21.58 -22.28
C VAL B 27 -6.43 -22.93 -22.83
N GLU B 28 -7.73 -23.11 -23.06
CA GLU B 28 -8.22 -24.30 -23.74
C GLU B 28 -7.53 -24.48 -25.09
N LEU B 29 -7.41 -23.39 -25.85
CA LEU B 29 -6.70 -23.44 -27.12
C LEU B 29 -5.24 -23.86 -26.92
N ALA B 30 -4.58 -23.33 -25.88
CA ALA B 30 -3.17 -23.64 -25.70
C ALA B 30 -2.98 -25.09 -25.26
N LEU B 31 -3.90 -25.61 -24.44
CA LEU B 31 -3.81 -27.02 -24.05
C LEU B 31 -4.06 -27.95 -25.24
N ALA B 32 -5.03 -27.58 -26.09
CA ALA B 32 -5.34 -28.40 -27.26
C ALA B 32 -4.17 -28.45 -28.24
N ARG B 33 -3.39 -27.36 -28.32
CA ARG B 33 -2.20 -27.37 -29.16
C ARG B 33 -1.06 -28.14 -28.51
N VAL B 34 -1.03 -28.23 -27.18
CA VAL B 34 -0.03 -29.07 -26.52
C VAL B 34 -0.29 -30.54 -26.85
N LYS B 35 -1.57 -30.92 -26.92
CA LYS B 35 -1.91 -32.30 -27.29
C LYS B 35 -1.41 -32.62 -28.69
N ALA B 36 -1.77 -31.76 -29.66
CA ALA B 36 -1.42 -31.94 -31.06
C ALA B 36 0.08 -31.79 -31.32
N ARG B 37 0.88 -31.40 -30.32
CA ARG B 37 2.32 -31.29 -30.53
C ARG B 37 3.03 -32.46 -29.88
N PRO B 38 3.67 -33.34 -30.65
CA PRO B 38 4.45 -34.45 -30.07
C PRO B 38 5.78 -34.03 -29.51
N ASP B 39 6.16 -32.76 -29.64
CA ASP B 39 7.40 -32.25 -29.08
C ASP B 39 7.18 -31.50 -27.76
N LEU B 40 5.93 -31.32 -27.34
CA LEU B 40 5.58 -30.64 -26.10
C LEU B 40 4.94 -31.65 -25.16
N LEU B 41 5.65 -31.99 -24.08
CA LEU B 41 5.21 -32.90 -23.03
C LEU B 41 4.48 -34.10 -23.62
N PRO B 42 5.19 -35.03 -24.24
CA PRO B 42 4.53 -36.20 -24.83
C PRO B 42 4.05 -37.16 -23.74
N GLY B 43 2.76 -37.46 -23.75
CA GLY B 43 2.16 -38.39 -22.80
C GLY B 43 1.47 -37.73 -21.62
N TRP B 44 1.98 -36.58 -21.16
CA TRP B 44 1.38 -35.89 -20.03
C TRP B 44 -0.01 -35.38 -20.40
N THR B 45 -0.95 -35.52 -19.47
CA THR B 45 -2.32 -35.03 -19.63
C THR B 45 -2.49 -33.85 -18.68
N VAL B 46 -2.34 -32.63 -19.21
CA VAL B 46 -2.31 -31.42 -18.39
C VAL B 46 -3.72 -31.10 -17.90
N ARG B 47 -3.92 -31.21 -16.58
CA ARG B 47 -5.21 -30.93 -15.96
C ARG B 47 -5.19 -29.54 -15.32
N MET B 48 -6.38 -28.98 -15.16
CA MET B 48 -6.55 -27.64 -14.65
C MET B 48 -7.54 -27.63 -13.49
N VAL B 49 -7.14 -27.00 -12.39
CA VAL B 49 -8.02 -26.76 -11.26
C VAL B 49 -8.17 -25.25 -11.09
N LEU B 50 -9.42 -24.81 -10.94
CA LEU B 50 -9.76 -23.40 -10.95
C LEU B 50 -10.03 -22.89 -9.53
N GLY B 51 -9.71 -21.62 -9.31
CA GLY B 51 -10.02 -20.91 -8.08
C GLY B 51 -10.35 -19.46 -8.36
N SER B 52 -11.46 -18.96 -7.84
CA SER B 52 -11.88 -17.60 -8.16
C SER B 52 -11.16 -16.59 -7.29
N SER B 53 -10.63 -15.55 -7.93
CA SER B 53 -9.96 -14.46 -7.25
C SER B 53 -10.93 -13.39 -6.75
N GLU B 54 -12.22 -13.53 -7.05
CA GLU B 54 -13.17 -12.48 -6.73
C GLU B 54 -13.90 -12.80 -5.42
N ASN B 55 -14.34 -11.73 -4.75
CA ASN B 55 -15.00 -11.86 -3.45
C ASN B 55 -16.51 -11.97 -3.68
N ALA B 56 -17.29 -11.79 -2.61
CA ALA B 56 -18.73 -11.97 -2.70
C ALA B 56 -19.38 -10.92 -3.60
N ALA B 57 -18.86 -9.70 -3.64
CA ALA B 57 -19.43 -8.71 -4.53
C ALA B 57 -19.04 -8.92 -5.99
N GLY B 58 -18.12 -9.85 -6.27
CA GLY B 58 -17.72 -10.16 -7.64
C GLY B 58 -16.60 -9.33 -8.22
N VAL B 59 -15.85 -8.60 -7.42
CA VAL B 59 -14.67 -7.89 -7.91
C VAL B 59 -13.45 -8.60 -7.36
N CYS B 60 -12.30 -8.37 -8.01
CA CYS B 60 -11.11 -9.11 -7.63
C CYS B 60 -10.63 -8.60 -6.28
N SER B 61 -10.24 -9.53 -5.43
CA SER B 61 -10.13 -9.31 -4.00
C SER B 61 -8.71 -9.57 -3.55
N ASP B 62 -8.19 -8.70 -2.68
CA ASP B 62 -6.97 -9.02 -1.95
C ASP B 62 -7.17 -10.11 -0.91
N THR B 63 -8.37 -10.70 -0.80
CA THR B 63 -8.64 -11.74 0.18
C THR B 63 -9.10 -13.04 -0.47
N ALA B 64 -10.06 -12.96 -1.39
CA ALA B 64 -10.53 -14.19 -2.03
C ALA B 64 -9.39 -14.87 -2.80
N ALA B 65 -8.57 -14.08 -3.52
CA ALA B 65 -7.52 -14.68 -4.35
C ALA B 65 -6.46 -15.42 -3.55
N PRO B 66 -5.85 -14.86 -2.50
CA PRO B 66 -4.86 -15.66 -1.76
C PRO B 66 -5.48 -16.84 -1.02
N LEU B 67 -6.72 -16.73 -0.54
CA LEU B 67 -7.41 -17.88 0.02
C LEU B 67 -7.55 -18.98 -1.03
N ALA B 68 -8.05 -18.63 -2.21
CA ALA B 68 -8.13 -19.58 -3.33
C ALA B 68 -6.78 -20.22 -3.64
N ALA B 69 -5.70 -19.45 -3.58
CA ALA B 69 -4.38 -20.00 -3.83
C ALA B 69 -4.02 -21.07 -2.81
N VAL B 70 -4.26 -20.80 -1.52
CA VAL B 70 -3.98 -21.79 -0.48
C VAL B 70 -4.86 -23.01 -0.66
N ASP B 71 -6.12 -22.80 -1.06
CA ASP B 71 -7.05 -23.91 -1.21
C ASP B 71 -6.63 -24.85 -2.34
N LEU B 72 -6.22 -24.30 -3.48
CA LEU B 72 -5.75 -25.14 -4.59
C LEU B 72 -4.41 -25.77 -4.28
N LYS B 73 -3.58 -25.11 -3.46
CA LYS B 73 -2.23 -25.61 -3.22
C LYS B 73 -2.27 -26.88 -2.39
N TRP B 74 -3.14 -26.93 -1.38
N TRP B 74 -3.13 -26.92 -1.38
CA TRP B 74 -3.24 -28.10 -0.51
CA TRP B 74 -3.23 -28.10 -0.51
C TRP B 74 -4.17 -29.17 -1.08
C TRP B 74 -4.12 -29.17 -1.13
N GLU B 75 -5.14 -28.78 -1.89
CA GLU B 75 -6.06 -29.75 -2.46
C GLU B 75 -5.50 -30.46 -3.68
N HIS B 76 -4.66 -29.79 -4.48
CA HIS B 76 -4.16 -30.38 -5.72
C HIS B 76 -2.65 -30.35 -5.87
N SER B 77 -1.93 -29.61 -5.04
CA SER B 77 -0.48 -29.47 -5.15
C SER B 77 -0.05 -29.23 -6.60
N PRO B 78 -0.41 -28.09 -7.18
CA PRO B 78 -0.10 -27.87 -8.59
C PRO B 78 1.38 -27.55 -8.79
N ALA B 79 1.78 -27.60 -10.06
CA ALA B 79 3.16 -27.29 -10.42
C ALA B 79 3.32 -25.87 -10.95
N VAL B 80 2.22 -25.16 -11.18
CA VAL B 80 2.28 -23.82 -11.75
C VAL B 80 0.96 -23.14 -11.46
N PHE B 81 1.01 -21.84 -11.21
CA PHE B 81 -0.18 -21.03 -11.04
C PHE B 81 -0.36 -20.11 -12.24
N LEU B 82 -1.62 -19.90 -12.60
CA LEU B 82 -2.03 -19.02 -13.68
C LEU B 82 -2.87 -17.88 -13.12
N GLY B 83 -2.39 -16.63 -13.26
CA GLY B 83 -3.07 -15.48 -12.70
C GLY B 83 -2.62 -15.27 -11.26
N PRO B 84 -3.22 -14.33 -10.52
CA PRO B 84 -4.26 -13.39 -10.94
C PRO B 84 -3.71 -12.28 -11.82
N GLY B 85 -4.62 -11.53 -12.43
CA GLY B 85 -4.25 -10.35 -13.18
C GLY B 85 -4.40 -9.04 -12.43
N CYS B 86 -5.21 -9.00 -11.37
CA CYS B 86 -5.31 -7.77 -10.59
C CYS B 86 -4.07 -7.61 -9.70
N VAL B 87 -3.63 -6.36 -9.53
CA VAL B 87 -2.43 -6.10 -8.74
C VAL B 87 -2.62 -6.55 -7.29
N TYR B 88 -3.72 -6.13 -6.65
CA TYR B 88 -3.91 -6.46 -5.25
C TYR B 88 -4.27 -7.93 -5.05
N SER B 89 -4.80 -8.60 -6.06
CA SER B 89 -4.92 -10.05 -6.00
C SER B 89 -3.56 -10.72 -6.19
N ALA B 90 -2.78 -10.22 -7.14
CA ALA B 90 -1.57 -10.94 -7.55
C ALA B 90 -0.45 -10.79 -6.54
N ALA B 91 -0.40 -9.67 -5.82
CA ALA B 91 0.69 -9.45 -4.87
C ALA B 91 0.70 -10.49 -3.74
N PRO B 92 -0.39 -10.75 -3.02
CA PRO B 92 -0.30 -11.81 -1.99
C PRO B 92 -0.13 -13.21 -2.56
N VAL B 93 -0.85 -13.56 -3.63
CA VAL B 93 -0.65 -14.87 -4.27
C VAL B 93 0.79 -15.03 -4.75
N GLY B 94 1.34 -13.96 -5.34
CA GLY B 94 2.73 -14.00 -5.75
C GLY B 94 3.68 -14.33 -4.61
N ARG B 95 3.45 -13.72 -3.44
N ARG B 95 3.45 -13.71 -3.44
CA ARG B 95 4.32 -13.97 -2.29
CA ARG B 95 4.32 -13.97 -2.30
C ARG B 95 4.12 -15.38 -1.76
C ARG B 95 4.13 -15.40 -1.78
N PHE B 96 2.89 -15.90 -1.82
CA PHE B 96 2.66 -17.29 -1.44
C PHE B 96 3.40 -18.22 -2.38
N THR B 97 3.17 -18.09 -3.68
CA THR B 97 3.80 -18.98 -4.66
C THR B 97 5.33 -18.87 -4.63
N ALA B 98 5.87 -17.65 -4.42
CA ALA B 98 7.30 -17.51 -4.17
C ALA B 98 7.74 -18.36 -2.98
N HIS B 99 6.99 -18.31 -1.88
CA HIS B 99 7.37 -19.08 -0.69
C HIS B 99 7.21 -20.59 -0.92
N TRP B 100 6.19 -20.99 -1.67
CA TRP B 100 5.94 -22.39 -2.00
C TRP B 100 6.90 -22.96 -3.03
N ARG B 101 7.77 -22.13 -3.63
CA ARG B 101 8.69 -22.55 -4.69
C ARG B 101 7.96 -23.03 -5.95
N VAL B 102 6.77 -22.51 -6.21
CA VAL B 102 5.95 -22.88 -7.36
C VAL B 102 5.99 -21.73 -8.37
N PRO B 103 6.27 -22.01 -9.64
CA PRO B 103 6.28 -20.94 -10.64
C PRO B 103 4.89 -20.33 -10.81
N LEU B 104 4.89 -19.05 -11.15
CA LEU B 104 3.66 -18.28 -11.34
C LEU B 104 3.69 -17.63 -12.71
N LEU B 105 2.60 -17.78 -13.47
CA LEU B 105 2.47 -17.18 -14.79
C LEU B 105 1.24 -16.31 -14.84
N THR B 106 1.39 -15.10 -15.36
CA THR B 106 0.25 -14.23 -15.51
C THR B 106 0.56 -13.21 -16.59
N ALA B 107 -0.48 -12.85 -17.34
CA ALA B 107 -0.41 -11.73 -18.27
C ALA B 107 -0.94 -10.46 -17.65
N GLY B 108 -1.29 -10.48 -16.36
CA GLY B 108 -1.70 -9.29 -15.65
C GLY B 108 -0.63 -8.85 -14.66
N ALA B 109 -1.04 -8.32 -13.52
CA ALA B 109 -0.11 -7.89 -12.48
C ALA B 109 1.02 -6.97 -12.97
N PRO B 110 0.70 -5.90 -13.71
CA PRO B 110 1.75 -5.07 -14.30
C PRO B 110 2.45 -4.11 -13.34
N ALA B 111 2.10 -4.08 -12.06
CA ALA B 111 2.63 -3.07 -11.14
C ALA B 111 4.15 -3.15 -11.01
N LEU B 112 4.74 -2.01 -10.66
CA LEU B 112 6.18 -1.91 -10.45
C LEU B 112 6.70 -2.96 -9.48
N GLY B 113 6.01 -3.16 -8.36
CA GLY B 113 6.57 -3.97 -7.29
C GLY B 113 6.60 -5.45 -7.59
N ILE B 114 5.70 -5.92 -8.46
CA ILE B 114 5.79 -7.30 -8.94
C ILE B 114 7.12 -7.53 -9.65
N GLY B 115 7.73 -6.47 -10.19
CA GLY B 115 9.01 -6.57 -10.88
C GLY B 115 10.18 -6.93 -9.98
N VAL B 116 10.06 -6.71 -8.68
CA VAL B 116 11.08 -7.07 -7.71
C VAL B 116 11.09 -8.59 -7.56
N LYS B 117 11.76 -9.27 -8.49
CA LYS B 117 11.69 -10.72 -8.50
C LYS B 117 12.47 -11.34 -7.34
N ASP B 118 13.39 -10.56 -6.75
CA ASP B 118 13.96 -10.94 -5.46
C ASP B 118 12.85 -11.33 -4.46
N GLU B 119 11.72 -10.63 -4.49
N GLU B 119 11.71 -10.64 -4.50
CA GLU B 119 10.56 -10.98 -3.67
CA GLU B 119 10.56 -10.98 -3.67
C GLU B 119 9.60 -11.92 -4.39
C GLU B 119 9.56 -11.88 -4.37
N TYR B 120 9.10 -11.50 -5.56
CA TYR B 120 8.18 -12.33 -6.35
C TYR B 120 8.97 -13.33 -7.20
N ALA B 121 9.66 -14.22 -6.49
CA ALA B 121 10.50 -15.21 -7.16
C ALA B 121 9.64 -16.16 -7.98
N LEU B 122 10.20 -16.61 -9.11
CA LEU B 122 9.50 -17.52 -10.02
C LEU B 122 8.17 -16.96 -10.54
N THR B 123 8.01 -15.65 -10.53
CA THR B 123 6.87 -15.00 -11.19
C THR B 123 7.33 -14.55 -12.57
N THR B 124 6.64 -15.03 -13.61
CA THR B 124 6.95 -14.68 -14.99
C THR B 124 5.76 -13.94 -15.57
N ARG B 125 5.99 -12.71 -16.02
CA ARG B 125 4.95 -11.87 -16.60
C ARG B 125 5.08 -11.93 -18.12
N THR B 126 4.03 -12.41 -18.78
CA THR B 126 4.01 -12.56 -20.23
C THR B 126 3.12 -11.53 -20.90
N GLY B 127 2.44 -10.69 -20.13
CA GLY B 127 1.73 -9.54 -20.64
C GLY B 127 2.49 -8.25 -20.36
N PRO B 128 1.82 -7.13 -20.58
CA PRO B 128 2.44 -5.81 -20.34
C PRO B 128 2.91 -5.57 -18.90
N SER B 129 3.89 -4.66 -18.80
CA SER B 129 4.39 -4.12 -17.54
C SER B 129 4.41 -2.60 -17.63
N HIS B 130 4.12 -1.94 -16.51
CA HIS B 130 4.10 -0.49 -16.51
C HIS B 130 5.49 0.14 -16.52
N VAL B 131 6.53 -0.58 -16.07
CA VAL B 131 7.88 -0.07 -16.31
C VAL B 131 8.16 0.01 -17.81
N LYS B 132 7.62 -0.94 -18.60
CA LYS B 132 7.82 -0.86 -20.05
C LYS B 132 7.16 0.39 -20.64
N LEU B 133 6.06 0.84 -20.06
CA LEU B 133 5.51 2.13 -20.48
C LEU B 133 6.51 3.24 -20.19
N GLY B 134 7.27 3.14 -19.10
CA GLY B 134 8.30 4.12 -18.84
C GLY B 134 9.44 4.09 -19.84
N ASP B 135 9.77 2.88 -20.33
CA ASP B 135 10.72 2.72 -21.43
C ASP B 135 10.26 3.47 -22.68
N PHE B 136 9.00 3.30 -23.06
CA PHE B 136 8.44 3.97 -24.21
C PHE B 136 8.44 5.48 -24.02
N VAL B 137 8.00 5.94 -22.85
CA VAL B 137 8.02 7.38 -22.58
C VAL B 137 9.45 7.91 -22.60
N THR B 138 10.41 7.15 -22.06
CA THR B 138 11.81 7.54 -22.15
C THR B 138 12.23 7.75 -23.61
N ALA B 139 11.98 6.74 -24.46
CA ALA B 139 12.38 6.83 -25.87
C ALA B 139 11.66 7.96 -26.57
N LEU B 140 10.42 8.22 -26.17
CA LEU B 140 9.68 9.32 -26.77
C LEU B 140 10.32 10.66 -26.43
N HIS B 141 10.77 10.82 -25.19
CA HIS B 141 11.38 12.09 -24.79
C HIS B 141 12.74 12.27 -25.47
N ARG B 142 13.56 11.21 -25.46
CA ARG B 142 14.86 11.26 -26.14
C ARG B 142 14.72 11.61 -27.62
N ARG B 143 13.69 11.13 -28.29
CA ARG B 143 13.52 11.39 -29.71
C ARG B 143 12.80 12.71 -30.00
N LEU B 144 12.45 13.49 -28.97
CA LEU B 144 11.69 14.71 -29.16
C LEU B 144 12.26 15.91 -28.40
N GLY B 145 13.40 15.75 -27.74
CA GLY B 145 14.09 16.85 -27.10
C GLY B 145 13.54 17.29 -25.76
N TRP B 146 12.52 16.62 -25.26
CA TRP B 146 12.00 16.89 -23.92
C TRP B 146 12.92 16.24 -22.91
N GLU B 147 13.79 17.04 -22.27
CA GLU B 147 14.72 16.47 -21.30
C GLU B 147 14.69 17.25 -19.99
N HIS B 148 13.55 17.87 -19.67
CA HIS B 148 13.49 18.70 -18.48
C HIS B 148 12.32 18.33 -17.56
N GLN B 149 11.09 18.51 -18.05
CA GLN B 149 9.97 18.48 -17.14
C GLN B 149 8.74 17.91 -17.82
N ALA B 150 7.99 17.11 -17.06
CA ALA B 150 6.71 16.60 -17.50
C ALA B 150 5.74 16.59 -16.32
N LEU B 151 4.46 16.61 -16.65
CA LEU B 151 3.39 16.59 -15.68
C LEU B 151 2.51 15.37 -15.94
N VAL B 152 2.18 14.63 -14.88
CA VAL B 152 1.34 13.44 -14.97
C VAL B 152 0.10 13.62 -14.10
N LEU B 153 -1.08 13.52 -14.71
CA LEU B 153 -2.35 13.56 -14.00
C LEU B 153 -3.03 12.21 -14.08
N TYR B 154 -3.53 11.71 -12.96
CA TYR B 154 -4.13 10.39 -12.95
C TYR B 154 -5.28 10.36 -11.95
N ALA B 155 -6.26 9.51 -12.24
CA ALA B 155 -7.46 9.41 -11.41
C ALA B 155 -7.96 7.98 -11.39
N ASP B 156 -8.43 7.52 -10.24
CA ASP B 156 -9.01 6.19 -10.12
C ASP B 156 -10.40 6.27 -9.48
N ARG B 157 -11.14 5.18 -9.64
CA ARG B 157 -12.41 4.99 -8.96
C ARG B 157 -12.12 4.35 -7.61
N LEU B 158 -12.69 4.91 -6.54
CA LEU B 158 -12.40 4.38 -5.23
C LEU B 158 -12.86 2.91 -5.14
N GLY B 159 -11.97 2.05 -4.64
CA GLY B 159 -12.26 0.64 -4.45
C GLY B 159 -11.92 -0.27 -5.61
N ASP B 160 -11.38 0.27 -6.71
CA ASP B 160 -10.94 -0.56 -7.81
C ASP B 160 -9.52 -1.04 -7.55
N ASP B 161 -8.90 -1.64 -8.57
CA ASP B 161 -7.53 -2.07 -8.44
C ASP B 161 -6.51 -0.93 -8.63
N ARG B 162 -6.97 0.32 -8.67
CA ARG B 162 -6.12 1.49 -8.90
C ARG B 162 -5.24 1.38 -10.15
N PRO B 163 -5.83 1.08 -11.32
CA PRO B 163 -4.98 0.88 -12.50
C PRO B 163 -4.22 2.11 -12.92
N CYS B 164 -4.81 3.30 -12.83
CA CYS B 164 -4.09 4.50 -13.21
C CYS B 164 -2.96 4.81 -12.24
N PHE B 165 -3.16 4.55 -10.95
CA PHE B 165 -2.05 4.74 -10.02
C PHE B 165 -0.84 3.92 -10.45
N PHE B 166 -1.05 2.62 -10.68
CA PHE B 166 0.08 1.74 -10.99
C PHE B 166 0.69 2.07 -12.37
N ILE B 167 -0.13 2.40 -13.35
CA ILE B 167 0.36 2.93 -14.62
C ILE B 167 1.29 4.11 -14.40
N VAL B 168 0.85 5.08 -13.59
CA VAL B 168 1.67 6.27 -13.38
C VAL B 168 2.91 5.94 -12.56
N GLU B 169 2.81 4.99 -11.65
CA GLU B 169 3.97 4.63 -10.84
C GLU B 169 5.04 3.99 -11.70
N GLY B 170 4.64 3.09 -12.59
CA GLY B 170 5.60 2.49 -13.50
C GLY B 170 6.25 3.52 -14.40
N LEU B 171 5.43 4.35 -15.03
CA LEU B 171 5.97 5.42 -15.86
C LEU B 171 6.89 6.32 -15.04
N TYR B 172 6.43 6.72 -13.86
CA TYR B 172 7.18 7.69 -13.07
C TYR B 172 8.54 7.16 -12.68
N MET B 173 8.59 5.96 -12.09
CA MET B 173 9.84 5.42 -11.58
C MET B 173 10.84 5.13 -12.70
N ARG B 174 10.39 4.45 -13.77
CA ARG B 174 11.33 4.13 -14.85
C ARG B 174 11.82 5.39 -15.55
N VAL B 175 10.94 6.37 -15.79
CA VAL B 175 11.34 7.56 -16.52
C VAL B 175 12.38 8.36 -15.75
N ARG B 176 12.19 8.46 -14.43
CA ARG B 176 13.19 9.16 -13.65
C ARG B 176 14.45 8.31 -13.45
N GLU B 177 14.33 7.00 -13.53
CA GLU B 177 15.51 6.13 -13.45
C GLU B 177 16.43 6.33 -14.64
N ARG B 178 15.87 6.59 -15.82
CA ARG B 178 16.61 6.67 -17.06
C ARG B 178 16.88 8.08 -17.55
N LEU B 179 16.03 9.05 -17.22
CA LEU B 179 16.20 10.41 -17.70
C LEU B 179 16.48 11.41 -16.59
N ASN B 180 16.04 11.13 -15.36
CA ASN B 180 16.27 12.01 -14.21
C ASN B 180 15.75 13.42 -14.48
N ILE B 181 14.65 13.53 -15.22
CA ILE B 181 14.01 14.83 -15.40
C ILE B 181 12.93 14.97 -14.33
N THR B 182 12.40 16.18 -14.16
CA THR B 182 11.41 16.45 -13.14
C THR B 182 10.03 16.00 -13.62
N VAL B 183 9.46 15.01 -12.94
CA VAL B 183 8.16 14.47 -13.30
C VAL B 183 7.17 14.90 -12.22
N ASN B 184 6.37 15.91 -12.53
CA ASN B 184 5.33 16.31 -11.59
C ASN B 184 4.11 15.41 -11.76
N HIS B 185 3.42 15.18 -10.65
CA HIS B 185 2.28 14.28 -10.65
C HIS B 185 1.19 14.85 -9.77
N GLN B 186 -0.07 14.58 -10.14
CA GLN B 186 -1.21 15.04 -9.37
C GLN B 186 -2.38 14.07 -9.53
N GLU B 187 -2.92 13.59 -8.41
CA GLU B 187 -4.10 12.73 -8.43
C GLU B 187 -5.38 13.56 -8.34
N PHE B 188 -6.41 13.15 -9.08
CA PHE B 188 -7.74 13.75 -8.96
C PHE B 188 -8.81 12.67 -8.88
N VAL B 189 -10.05 13.12 -8.67
CA VAL B 189 -11.22 12.27 -8.63
C VAL B 189 -12.11 12.69 -9.78
N GLU B 190 -12.47 11.74 -10.64
CA GLU B 190 -13.10 12.13 -11.89
C GLU B 190 -14.45 12.80 -11.65
N GLY B 191 -15.23 12.30 -10.69
CA GLY B 191 -16.56 12.83 -10.47
C GLY B 191 -16.61 14.11 -9.64
N ASP B 192 -15.47 14.61 -9.18
CA ASP B 192 -15.44 15.74 -8.25
C ASP B 192 -15.12 17.01 -9.02
N PRO B 193 -16.08 17.93 -9.20
CA PRO B 193 -15.82 19.08 -10.07
C PRO B 193 -14.82 20.04 -9.49
N ASP B 194 -14.60 19.99 -8.18
CA ASP B 194 -13.65 20.88 -7.54
C ASP B 194 -12.26 20.73 -8.13
N HIS B 195 -11.95 19.54 -8.64
CA HIS B 195 -10.59 19.24 -9.07
C HIS B 195 -10.26 19.86 -10.42
N TYR B 196 -11.25 20.22 -11.20
CA TYR B 196 -10.99 20.63 -12.57
C TYR B 196 -10.39 22.03 -12.65
N PRO B 197 -10.82 22.99 -11.83
CA PRO B 197 -10.05 24.23 -11.71
C PRO B 197 -8.61 23.97 -11.26
N LYS B 198 -8.44 23.09 -10.26
CA LYS B 198 -7.10 22.77 -9.79
C LYS B 198 -6.25 22.11 -10.87
N LEU B 199 -6.84 21.16 -11.63
CA LEU B 199 -6.10 20.51 -12.70
C LEU B 199 -5.72 21.51 -13.78
N LEU B 200 -6.69 22.29 -14.27
CA LEU B 200 -6.39 23.24 -15.33
C LEU B 200 -5.30 24.22 -14.90
N ARG B 201 -5.34 24.62 -13.62
CA ARG B 201 -4.30 25.49 -13.09
C ARG B 201 -2.95 24.78 -13.04
N ALA B 202 -2.94 23.51 -12.62
CA ALA B 202 -1.69 22.75 -12.59
C ALA B 202 -1.20 22.43 -13.98
N VAL B 203 -2.11 22.29 -14.94
CA VAL B 203 -1.68 22.08 -16.32
C VAL B 203 -0.84 23.25 -16.79
N ARG B 204 -1.24 24.47 -16.46
CA ARG B 204 -0.56 25.67 -16.91
C ARG B 204 0.37 26.25 -15.84
N ARG B 205 1.03 25.39 -15.08
CA ARG B 205 1.86 25.86 -13.99
C ARG B 205 2.92 24.80 -13.69
N LYS B 206 2.65 23.56 -14.07
CA LYS B 206 3.50 22.44 -13.71
C LYS B 206 4.08 21.67 -14.89
N GLY B 207 3.58 21.88 -16.10
CA GLY B 207 4.21 21.22 -17.23
C GLY B 207 3.63 21.68 -18.54
N ARG B 208 4.32 21.31 -19.61
CA ARG B 208 3.79 21.47 -20.96
C ARG B 208 3.71 20.15 -21.71
N VAL B 209 4.57 19.20 -21.40
CA VAL B 209 4.40 17.81 -21.82
C VAL B 209 3.60 17.12 -20.73
N ILE B 210 2.36 16.77 -21.04
CA ILE B 210 1.35 16.42 -20.03
C ILE B 210 0.76 15.06 -20.35
N TYR B 211 0.96 14.09 -19.44
CA TYR B 211 0.37 12.76 -19.53
C TYR B 211 -0.84 12.68 -18.60
N ILE B 212 -1.93 12.11 -19.10
CA ILE B 212 -3.17 11.97 -18.34
C ILE B 212 -3.64 10.52 -18.43
N CYS B 213 -3.74 9.85 -17.28
CA CYS B 213 -4.34 8.52 -17.18
C CYS B 213 -5.71 8.70 -16.56
N SER B 214 -6.75 8.50 -17.36
CA SER B 214 -8.13 8.72 -16.92
C SER B 214 -9.05 8.00 -17.89
N SER B 215 -10.35 8.06 -17.58
CA SER B 215 -11.37 7.55 -18.47
C SER B 215 -11.41 8.40 -19.75
N PRO B 216 -11.95 7.86 -20.84
CA PRO B 216 -12.05 8.67 -22.08
C PRO B 216 -12.80 9.97 -21.88
N ASP B 217 -13.94 9.93 -21.16
CA ASP B 217 -14.75 11.12 -20.96
C ASP B 217 -14.02 12.16 -20.12
N ALA B 218 -13.33 11.73 -19.05
CA ALA B 218 -12.55 12.69 -18.28
C ALA B 218 -11.49 13.34 -19.16
N PHE B 219 -10.78 12.52 -19.95
CA PHE B 219 -9.76 13.09 -20.83
C PHE B 219 -10.38 14.04 -21.84
N ARG B 220 -11.57 13.69 -22.36
CA ARG B 220 -12.25 14.57 -23.29
C ARG B 220 -12.61 15.89 -22.65
N ASN B 221 -13.26 15.82 -21.48
CA ASN B 221 -13.66 17.04 -20.77
C ASN B 221 -12.46 17.89 -20.41
N LEU B 222 -11.38 17.27 -19.94
CA LEU B 222 -10.17 18.03 -19.69
C LEU B 222 -9.70 18.76 -20.94
N MET B 223 -9.74 18.09 -22.11
CA MET B 223 -9.34 18.74 -23.35
C MET B 223 -10.24 19.92 -23.68
N LEU B 224 -11.56 19.71 -23.60
CA LEU B 224 -12.51 20.78 -23.84
C LEU B 224 -12.20 22.00 -22.99
N LEU B 225 -11.94 21.77 -21.69
CA LEU B 225 -11.58 22.88 -20.81
C LEU B 225 -10.24 23.51 -21.18
N ALA B 226 -9.30 22.71 -21.69
CA ALA B 226 -8.00 23.26 -22.06
C ALA B 226 -8.12 24.16 -23.30
N LEU B 227 -8.97 23.76 -24.26
CA LEU B 227 -9.21 24.63 -25.40
C LEU B 227 -9.95 25.89 -24.97
N ASN B 228 -11.01 25.73 -24.18
CA ASN B 228 -11.77 26.87 -23.68
C ASN B 228 -10.88 27.86 -22.93
N ALA B 229 -9.78 27.38 -22.34
CA ALA B 229 -8.84 28.23 -21.62
C ALA B 229 -7.63 28.61 -22.46
N GLY B 230 -7.63 28.27 -23.75
CA GLY B 230 -6.57 28.69 -24.66
C GLY B 230 -5.27 27.93 -24.53
N LEU B 231 -5.36 26.61 -24.45
CA LEU B 231 -4.19 25.74 -24.42
C LEU B 231 -4.21 24.90 -25.70
N THR B 232 -3.33 25.22 -26.63
CA THR B 232 -3.29 24.57 -27.93
C THR B 232 -1.96 23.89 -28.13
N GLY B 233 -1.87 23.17 -29.25
CA GLY B 233 -0.70 22.34 -29.56
C GLY B 233 0.57 23.10 -29.80
N GLU B 234 0.52 24.44 -29.84
CA GLU B 234 1.71 25.24 -30.01
C GLU B 234 2.53 25.34 -28.73
N ASP B 235 1.93 25.02 -27.59
CA ASP B 235 2.64 25.10 -26.31
C ASP B 235 2.50 23.83 -25.50
N TYR B 236 1.37 23.13 -25.67
CA TYR B 236 1.03 21.98 -24.84
C TYR B 236 0.81 20.75 -25.69
N VAL B 237 1.19 19.60 -25.14
CA VAL B 237 0.83 18.31 -25.72
C VAL B 237 0.25 17.44 -24.61
N PHE B 238 -0.92 16.87 -24.86
CA PHE B 238 -1.64 16.05 -23.89
C PHE B 238 -1.65 14.61 -24.38
N PHE B 239 -0.86 13.76 -23.74
CA PHE B 239 -0.87 12.33 -24.01
C PHE B 239 -1.91 11.64 -23.14
N HIS B 240 -2.79 10.84 -23.76
CA HIS B 240 -3.78 10.06 -23.01
C HIS B 240 -3.23 8.65 -22.83
N LEU B 241 -2.94 8.28 -21.59
CA LEU B 241 -2.42 6.96 -21.25
C LEU B 241 -3.57 5.94 -21.25
N ASP B 242 -3.95 5.55 -22.45
CA ASP B 242 -5.11 4.69 -22.65
C ASP B 242 -4.63 3.35 -23.20
N VAL B 243 -3.95 2.58 -22.34
CA VAL B 243 -3.16 1.46 -22.85
C VAL B 243 -4.02 0.41 -23.52
N PHE B 244 -5.26 0.20 -23.04
CA PHE B 244 -6.18 -0.73 -23.68
C PHE B 244 -7.05 -0.06 -24.73
N GLY B 245 -6.71 1.15 -25.15
CA GLY B 245 -7.49 1.83 -26.17
C GLY B 245 -8.97 1.94 -25.85
N GLN B 246 -9.30 2.23 -24.58
CA GLN B 246 -10.71 2.35 -24.24
C GLN B 246 -11.37 3.49 -24.99
N SER B 247 -10.62 4.55 -25.31
CA SER B 247 -11.19 5.67 -26.03
C SER B 247 -11.27 5.44 -27.54
N LEU B 248 -10.88 4.25 -28.01
CA LEU B 248 -10.89 3.92 -29.43
C LEU B 248 -11.68 2.64 -29.66
N LYS B 249 -12.16 2.46 -30.88
CA LYS B 249 -12.77 1.20 -31.28
C LYS B 249 -11.69 0.18 -31.63
N SER B 250 -12.10 -1.00 -32.10
CA SER B 250 -11.15 -2.05 -32.43
C SER B 250 -10.50 -1.77 -33.79
N ALA B 251 -9.31 -2.36 -33.97
CA ALA B 251 -8.55 -2.19 -35.20
C ALA B 251 -9.07 -3.05 -36.35
N GLN B 252 -10.14 -3.81 -36.13
CA GLN B 252 -10.65 -4.69 -37.17
C GLN B 252 -11.52 -3.94 -38.17
N GLY B 253 -12.53 -3.24 -37.68
CA GLY B 253 -13.42 -2.46 -38.54
C GLY B 253 -13.61 -1.06 -37.98
N LEU B 254 -14.86 -0.61 -38.02
CA LEU B 254 -15.28 0.68 -37.42
C LEU B 254 -14.41 1.84 -37.93
N VAL B 255 -14.13 1.85 -39.22
CA VAL B 255 -13.37 2.92 -39.84
C VAL B 255 -14.27 4.15 -39.98
N PRO B 256 -13.83 5.35 -39.54
CA PRO B 256 -12.54 5.65 -38.93
C PRO B 256 -12.59 5.72 -37.40
N GLN B 257 -11.50 6.19 -36.79
CA GLN B 257 -11.33 6.19 -35.33
C GLN B 257 -11.47 7.62 -34.82
N LYS B 258 -12.56 7.88 -34.09
CA LYS B 258 -12.87 9.20 -33.56
C LYS B 258 -13.17 9.15 -32.08
N PRO B 259 -12.20 9.46 -31.22
CA PRO B 259 -12.45 9.46 -29.78
C PRO B 259 -13.11 10.74 -29.30
N TRP B 260 -12.91 11.85 -30.01
CA TRP B 260 -13.56 13.11 -29.65
C TRP B 260 -15.04 13.15 -30.03
N GLU B 261 -15.52 12.16 -30.79
CA GLU B 261 -16.91 12.16 -31.20
C GLU B 261 -17.77 11.58 -30.08
N ARG B 262 -18.80 12.33 -29.69
CA ARG B 262 -19.68 11.90 -28.61
C ARG B 262 -21.16 12.12 -28.86
N GLY B 263 -21.57 13.01 -29.77
CA GLY B 263 -22.97 13.18 -30.06
C GLY B 263 -23.70 14.11 -29.12
N ASP B 264 -22.98 15.00 -28.43
CA ASP B 264 -23.57 15.94 -27.49
C ASP B 264 -23.47 17.38 -27.98
N GLY B 265 -23.36 17.58 -29.29
CA GLY B 265 -23.19 18.90 -29.85
C GLY B 265 -21.91 19.58 -29.50
N GLN B 266 -21.09 18.98 -28.65
CA GLN B 266 -19.76 19.48 -28.36
C GLN B 266 -18.70 18.93 -29.31
N ASP B 267 -19.09 18.04 -30.24
CA ASP B 267 -18.12 17.29 -31.03
C ASP B 267 -17.27 18.22 -31.88
N ARG B 268 -17.84 19.31 -32.38
CA ARG B 268 -17.05 20.25 -33.16
C ARG B 268 -15.99 20.93 -32.29
N SER B 269 -16.35 21.25 -31.04
CA SER B 269 -15.39 21.83 -30.12
C SER B 269 -14.32 20.81 -29.71
N ALA B 270 -14.75 19.56 -29.47
CA ALA B 270 -13.82 18.51 -29.04
C ALA B 270 -12.76 18.25 -30.10
N ARG B 271 -13.13 18.30 -31.39
CA ARG B 271 -12.16 18.01 -32.44
C ARG B 271 -11.06 19.07 -32.48
N GLN B 272 -11.43 20.34 -32.33
CA GLN B 272 -10.40 21.38 -32.30
C GLN B 272 -9.53 21.22 -31.06
N ALA B 273 -10.13 20.86 -29.92
CA ALA B 273 -9.35 20.59 -28.73
C ALA B 273 -8.38 19.43 -28.94
N PHE B 274 -8.91 18.30 -29.42
CA PHE B 274 -8.10 17.10 -29.61
C PHE B 274 -6.98 17.26 -30.63
N GLN B 275 -6.90 18.41 -31.30
CA GLN B 275 -5.74 18.67 -32.14
C GLN B 275 -4.44 18.65 -31.34
N ALA B 276 -4.51 18.92 -30.04
CA ALA B 276 -3.34 18.91 -29.16
C ALA B 276 -3.14 17.58 -28.45
N ALA B 277 -3.96 16.58 -28.76
CA ALA B 277 -4.04 15.36 -27.98
C ALA B 277 -3.52 14.17 -28.79
N LYS B 278 -2.72 13.32 -28.14
CA LYS B 278 -2.26 12.07 -28.72
C LYS B 278 -2.52 10.95 -27.72
N ILE B 279 -2.71 9.73 -28.24
CA ILE B 279 -3.15 8.61 -27.42
C ILE B 279 -2.07 7.52 -27.46
N ILE B 280 -1.64 7.08 -26.28
CA ILE B 280 -0.66 6.02 -26.15
C ILE B 280 -1.41 4.75 -25.80
N THR B 281 -1.18 3.70 -26.57
CA THR B 281 -1.85 2.42 -26.34
C THR B 281 -0.82 1.30 -26.47
N TYR B 282 -1.22 0.12 -26.03
CA TYR B 282 -0.52 -1.08 -26.46
C TYR B 282 -0.63 -1.23 -27.98
N LYS B 283 0.31 -1.98 -28.55
CA LYS B 283 0.34 -2.23 -29.98
C LYS B 283 -0.54 -3.44 -30.32
N GLU B 284 -1.43 -3.29 -31.31
CA GLU B 284 -2.18 -4.43 -31.83
C GLU B 284 -1.20 -5.37 -32.54
N PRO B 285 -1.19 -6.66 -32.21
CA PRO B 285 -0.31 -7.59 -32.93
C PRO B 285 -0.70 -7.67 -34.41
N ASP B 286 0.32 -7.73 -35.27
CA ASP B 286 0.16 -7.67 -36.72
C ASP B 286 0.00 -9.03 -37.37
N ASN B 287 0.79 -10.01 -36.90
CA ASN B 287 0.92 -11.32 -37.51
C ASN B 287 -0.44 -11.96 -37.77
N PRO B 288 -0.55 -12.73 -38.86
CA PRO B 288 -1.83 -13.37 -39.16
C PRO B 288 -2.20 -14.48 -38.19
N GLU B 289 -1.24 -15.05 -37.47
CA GLU B 289 -1.60 -16.01 -36.42
C GLU B 289 -2.50 -15.37 -35.37
N TYR B 290 -2.31 -14.07 -35.09
CA TYR B 290 -3.14 -13.39 -34.09
C TYR B 290 -4.60 -13.33 -34.52
N LEU B 291 -4.84 -12.89 -35.77
CA LEU B 291 -6.21 -12.83 -36.27
C LEU B 291 -6.86 -14.21 -36.25
N GLU B 292 -6.12 -15.25 -36.61
CA GLU B 292 -6.67 -16.61 -36.57
C GLU B 292 -6.95 -17.04 -35.13
N PHE B 293 -6.11 -16.61 -34.19
CA PHE B 293 -6.36 -16.87 -32.78
C PHE B 293 -7.64 -16.18 -32.33
N LEU B 294 -7.82 -14.92 -32.73
CA LEU B 294 -9.04 -14.20 -32.38
C LEU B 294 -10.28 -14.96 -32.85
N LYS B 295 -10.26 -15.47 -34.09
CA LYS B 295 -11.40 -16.22 -34.60
C LYS B 295 -11.68 -17.46 -33.76
N GLN B 296 -10.64 -18.22 -33.42
CA GLN B 296 -10.85 -19.42 -32.60
C GLN B 296 -11.21 -19.07 -31.17
N LEU B 297 -10.64 -17.98 -30.64
CA LEU B 297 -11.03 -17.55 -29.30
C LEU B 297 -12.51 -17.18 -29.27
N LYS B 298 -12.97 -16.38 -30.25
CA LYS B 298 -14.38 -16.02 -30.28
C LYS B 298 -15.26 -17.26 -30.39
N LEU B 299 -14.88 -18.23 -31.22
CA LEU B 299 -15.69 -19.43 -31.38
C LEU B 299 -15.75 -20.24 -30.09
N LEU B 300 -14.60 -20.43 -29.46
CA LEU B 300 -14.55 -21.30 -28.28
C LEU B 300 -15.19 -20.66 -27.06
N ALA B 301 -15.13 -19.33 -26.95
CA ALA B 301 -15.73 -18.65 -25.79
C ALA B 301 -17.25 -18.63 -25.92
N ASP B 302 -17.76 -18.36 -27.12
CA ASP B 302 -19.18 -18.44 -27.37
C ASP B 302 -19.69 -19.86 -27.25
N LYS B 303 -18.80 -20.85 -27.37
CA LYS B 303 -19.19 -22.26 -27.30
C LYS B 303 -19.25 -22.73 -25.86
N LYS B 304 -18.11 -22.90 -25.21
CA LYS B 304 -18.04 -23.53 -23.90
C LYS B 304 -17.96 -22.53 -22.75
N PHE B 305 -18.18 -21.24 -23.01
CA PHE B 305 -18.17 -20.23 -21.95
C PHE B 305 -19.33 -19.25 -22.01
N ASN B 306 -20.23 -19.40 -22.99
CA ASN B 306 -21.44 -18.57 -23.09
C ASN B 306 -21.11 -17.07 -23.08
N PHE B 307 -19.92 -16.73 -23.58
CA PHE B 307 -19.45 -15.36 -23.57
C PHE B 307 -19.11 -14.93 -24.99
N THR B 308 -19.33 -13.65 -25.27
CA THR B 308 -19.08 -13.06 -26.59
C THR B 308 -17.83 -12.18 -26.52
N VAL B 309 -16.72 -12.68 -27.05
CA VAL B 309 -15.46 -11.93 -27.03
C VAL B 309 -15.49 -10.92 -28.16
N GLU B 310 -15.57 -9.64 -27.81
CA GLU B 310 -15.52 -8.60 -28.80
C GLU B 310 -14.08 -8.23 -29.13
N ASP B 311 -13.92 -7.53 -30.25
CA ASP B 311 -12.58 -7.13 -30.68
C ASP B 311 -12.05 -6.00 -29.82
N GLY B 312 -10.73 -6.01 -29.62
CA GLY B 312 -10.09 -4.87 -29.02
C GLY B 312 -8.77 -5.25 -28.40
N LEU B 313 -8.02 -4.19 -28.04
CA LEU B 313 -6.71 -4.35 -27.41
C LEU B 313 -6.72 -5.25 -26.19
N LYS B 314 -7.86 -5.35 -25.49
CA LYS B 314 -7.89 -6.17 -24.29
C LYS B 314 -7.63 -7.64 -24.60
N ASN B 315 -7.87 -8.07 -25.84
CA ASN B 315 -7.62 -9.46 -26.20
C ASN B 315 -6.15 -9.84 -26.20
N ILE B 316 -5.23 -8.88 -26.08
CA ILE B 316 -3.83 -9.29 -25.96
C ILE B 316 -3.54 -9.96 -24.63
N ILE B 317 -4.40 -9.77 -23.62
CA ILE B 317 -4.19 -10.40 -22.32
C ILE B 317 -4.51 -11.90 -22.43
N PRO B 318 -5.69 -12.32 -22.91
CA PRO B 318 -5.87 -13.76 -23.13
C PRO B 318 -4.86 -14.34 -24.13
N ALA B 319 -4.53 -13.61 -25.21
CA ALA B 319 -3.51 -14.10 -26.11
C ALA B 319 -2.17 -14.30 -25.41
N SER B 320 -1.83 -13.45 -24.44
CA SER B 320 -0.56 -13.63 -23.76
C SER B 320 -0.60 -14.74 -22.73
N PHE B 321 -1.75 -14.96 -22.08
CA PHE B 321 -1.90 -16.15 -21.24
C PHE B 321 -1.64 -17.40 -22.07
N HIS B 322 -2.35 -17.53 -23.20
CA HIS B 322 -2.11 -18.59 -24.16
C HIS B 322 -0.64 -18.76 -24.46
N ASP B 323 0.01 -17.71 -24.98
CA ASP B 323 1.41 -17.77 -25.34
C ASP B 323 2.29 -18.14 -24.16
N GLY B 324 2.05 -17.53 -22.99
CA GLY B 324 2.85 -17.85 -21.83
C GLY B 324 2.74 -19.31 -21.44
N LEU B 325 1.53 -19.87 -21.56
CA LEU B 325 1.32 -21.28 -21.26
C LEU B 325 2.16 -22.17 -22.16
N LEU B 326 2.12 -21.92 -23.47
CA LEU B 326 2.96 -22.70 -24.38
C LEU B 326 4.43 -22.48 -24.09
N LEU B 327 4.83 -21.23 -23.81
CA LEU B 327 6.21 -20.94 -23.43
C LEU B 327 6.60 -21.71 -22.17
N TYR B 328 5.64 -21.96 -21.27
CA TYR B 328 5.94 -22.74 -20.08
C TYR B 328 6.03 -24.23 -20.40
N VAL B 329 5.07 -24.76 -21.18
CA VAL B 329 5.08 -26.19 -21.52
C VAL B 329 6.37 -26.58 -22.21
N GLN B 330 6.85 -25.75 -23.13
CA GLN B 330 8.12 -26.03 -23.77
C GLN B 330 9.26 -26.05 -22.77
N ALA B 331 9.24 -25.13 -21.81
CA ALA B 331 10.29 -25.07 -20.80
C ALA B 331 10.30 -26.31 -19.92
N VAL B 332 9.12 -26.83 -19.56
CA VAL B 332 9.05 -28.08 -18.81
C VAL B 332 9.62 -29.22 -19.65
N THR B 333 9.20 -29.32 -20.91
CA THR B 333 9.72 -30.38 -21.77
C THR B 333 11.24 -30.30 -21.88
N GLU B 334 11.79 -29.09 -22.01
CA GLU B 334 13.25 -28.93 -21.98
C GLU B 334 13.84 -29.38 -20.65
N THR B 335 13.17 -29.07 -19.53
CA THR B 335 13.69 -29.50 -18.24
C THR B 335 13.60 -31.02 -18.08
N LEU B 336 12.47 -31.61 -18.48
CA LEU B 336 12.37 -33.06 -18.52
C LEU B 336 13.45 -33.65 -19.42
N ALA B 337 13.75 -32.98 -20.52
CA ALA B 337 14.71 -33.45 -21.52
C ALA B 337 16.14 -33.48 -20.99
N GLN B 338 16.39 -32.91 -19.81
CA GLN B 338 17.73 -32.95 -19.23
C GLN B 338 17.69 -33.53 -17.82
N GLY B 339 16.72 -34.40 -17.54
CA GLY B 339 16.64 -35.07 -16.26
C GLY B 339 15.89 -34.32 -15.17
N GLY B 340 15.51 -33.06 -15.42
CA GLY B 340 14.74 -32.32 -14.44
C GLY B 340 13.34 -32.89 -14.29
N THR B 341 12.60 -32.27 -13.38
CA THR B 341 11.21 -32.63 -13.10
C THR B 341 10.33 -31.41 -13.31
N VAL B 342 9.03 -31.64 -13.23
CA VAL B 342 8.07 -30.56 -13.38
C VAL B 342 8.06 -29.62 -12.18
N THR B 343 8.73 -29.99 -11.08
CA THR B 343 8.78 -29.15 -9.90
C THR B 343 10.08 -28.38 -9.76
N ASP B 344 10.98 -28.50 -10.73
CA ASP B 344 12.22 -27.70 -10.73
C ASP B 344 11.86 -26.28 -11.14
N GLY B 345 11.26 -25.55 -10.19
CA GLY B 345 10.76 -24.22 -10.48
C GLY B 345 11.83 -23.28 -11.01
N GLU B 346 13.01 -23.29 -10.37
CA GLU B 346 14.05 -22.36 -10.79
C GLU B 346 14.61 -22.72 -12.17
N ASN B 347 14.79 -24.02 -12.45
CA ASN B 347 15.27 -24.45 -13.76
C ASN B 347 14.28 -24.08 -14.85
N ILE B 348 13.00 -24.40 -14.63
CA ILE B 348 11.95 -24.07 -15.60
C ILE B 348 11.90 -22.57 -15.86
N THR B 349 11.89 -21.79 -14.78
CA THR B 349 11.79 -20.34 -14.90
C THR B 349 12.96 -19.74 -15.69
N GLN B 350 14.19 -20.19 -15.40
CA GLN B 350 15.35 -19.63 -16.10
C GLN B 350 15.40 -20.02 -17.57
N ARG B 351 14.76 -21.14 -17.93
CA ARG B 351 14.64 -21.45 -19.36
C ARG B 351 13.69 -20.49 -20.05
N MET B 352 12.67 -20.01 -19.32
CA MET B 352 11.72 -19.03 -19.85
C MET B 352 12.29 -17.62 -19.89
N TRP B 353 13.22 -17.31 -19.01
CA TRP B 353 13.70 -15.94 -18.90
C TRP B 353 14.83 -15.66 -19.86
N ASN B 354 14.94 -14.40 -20.26
CA ASN B 354 15.93 -13.95 -21.24
C ASN B 354 15.87 -14.83 -22.49
N ARG B 355 14.67 -14.94 -23.05
CA ARG B 355 14.35 -15.88 -24.11
C ARG B 355 13.34 -15.26 -25.07
N SER B 356 13.59 -15.41 -26.37
CA SER B 356 12.63 -15.02 -27.39
C SER B 356 11.75 -16.22 -27.74
N PHE B 357 10.51 -15.93 -28.16
CA PHE B 357 9.53 -16.98 -28.39
C PHE B 357 8.58 -16.51 -29.49
N GLN B 358 7.97 -17.47 -30.17
CA GLN B 358 7.01 -17.19 -31.24
C GLN B 358 5.66 -17.71 -30.82
N GLY B 359 4.71 -16.79 -30.65
CA GLY B 359 3.35 -17.13 -30.29
C GLY B 359 2.35 -16.34 -31.09
N VAL B 360 1.07 -16.57 -30.81
CA VAL B 360 0.01 -15.91 -31.54
C VAL B 360 0.13 -14.38 -31.46
N THR B 361 0.78 -13.86 -30.41
CA THR B 361 1.08 -12.44 -30.36
C THR B 361 2.31 -12.08 -31.16
N GLY B 362 2.81 -12.99 -31.99
CA GLY B 362 4.01 -12.73 -32.74
C GLY B 362 5.28 -12.95 -31.94
N TYR B 363 6.29 -12.15 -32.26
CA TYR B 363 7.55 -12.15 -31.52
C TYR B 363 7.31 -11.60 -30.12
N LEU B 364 7.59 -12.42 -29.11
CA LEU B 364 7.51 -11.98 -27.72
C LEU B 364 8.81 -12.38 -27.02
N LYS B 365 9.40 -11.41 -26.30
CA LYS B 365 10.69 -11.55 -25.64
C LYS B 365 10.51 -11.40 -24.14
N ILE B 366 10.87 -12.44 -23.39
CA ILE B 366 10.97 -12.34 -21.93
C ILE B 366 12.35 -11.77 -21.59
N ASP B 367 12.38 -10.66 -20.82
CA ASP B 367 13.64 -10.01 -20.51
C ASP B 367 14.36 -10.78 -19.40
N ARG B 368 15.54 -10.28 -18.98
CA ARG B 368 16.30 -10.95 -17.93
C ARG B 368 15.52 -10.99 -16.62
N ASN B 369 14.59 -10.05 -16.44
CA ASN B 369 13.84 -9.93 -15.20
C ASN B 369 12.61 -10.84 -15.14
N GLY B 370 12.29 -11.54 -16.23
CA GLY B 370 11.10 -12.36 -16.24
C GLY B 370 9.87 -11.68 -16.77
N ASP B 371 10.01 -10.51 -17.39
CA ASP B 371 8.88 -9.71 -17.85
C ASP B 371 8.91 -9.57 -19.38
N ARG B 372 7.75 -9.73 -20.00
CA ARG B 372 7.67 -9.62 -21.45
C ARG B 372 7.89 -8.16 -21.87
N ASP B 373 8.80 -7.94 -22.82
CA ASP B 373 8.93 -6.62 -23.45
C ASP B 373 7.59 -6.24 -24.07
N THR B 374 7.23 -4.96 -23.97
CA THR B 374 5.91 -4.50 -24.38
C THR B 374 6.04 -3.43 -25.45
N ASP B 375 5.35 -3.65 -26.57
CA ASP B 375 5.34 -2.72 -27.69
C ASP B 375 4.17 -1.75 -27.53
N PHE B 376 4.39 -0.49 -27.92
CA PHE B 376 3.39 0.56 -27.76
C PHE B 376 3.16 1.27 -29.09
N SER B 377 1.93 1.69 -29.33
CA SER B 377 1.59 2.53 -30.47
C SER B 377 1.29 3.95 -30.00
N LEU B 378 1.57 4.91 -30.88
CA LEU B 378 1.20 6.29 -30.64
C LEU B 378 0.16 6.69 -31.67
N TRP B 379 -1.01 7.10 -31.21
CA TRP B 379 -2.07 7.53 -32.11
C TRP B 379 -2.06 9.05 -32.22
N ASP B 380 -2.38 9.54 -33.41
CA ASP B 380 -2.40 10.96 -33.72
C ASP B 380 -3.55 11.22 -34.69
N MET B 381 -4.07 12.44 -34.68
CA MET B 381 -5.16 12.76 -35.57
C MET B 381 -4.64 13.33 -36.89
N ASP B 382 -5.37 13.02 -37.96
CA ASP B 382 -5.12 13.61 -39.26
C ASP B 382 -5.78 14.97 -39.32
N PRO B 383 -5.03 16.07 -39.40
CA PRO B 383 -5.66 17.40 -39.39
C PRO B 383 -6.67 17.61 -40.52
N GLU B 384 -6.66 16.77 -41.55
CA GLU B 384 -7.64 16.88 -42.62
C GLU B 384 -8.98 16.28 -42.23
N THR B 385 -8.98 14.99 -41.87
CA THR B 385 -10.22 14.30 -41.53
C THR B 385 -10.56 14.40 -40.06
N GLY B 386 -9.55 14.52 -39.19
CA GLY B 386 -9.76 14.57 -37.76
C GLY B 386 -9.71 13.22 -37.07
N ALA B 387 -9.68 12.12 -37.81
CA ALA B 387 -9.64 10.80 -37.23
C ALA B 387 -8.23 10.45 -36.76
N PHE B 388 -8.15 9.61 -35.74
CA PHE B 388 -6.87 9.24 -35.14
C PHE B 388 -6.34 7.98 -35.79
N ARG B 389 -5.01 7.91 -35.92
CA ARG B 389 -4.37 6.73 -36.48
C ARG B 389 -2.97 6.57 -35.92
N VAL B 390 -2.48 5.33 -35.94
CA VAL B 390 -1.12 5.06 -35.48
C VAL B 390 -0.12 5.76 -36.38
N VAL B 391 0.80 6.50 -35.77
CA VAL B 391 1.86 7.19 -36.50
C VAL B 391 3.25 6.80 -36.01
N LEU B 392 3.36 6.21 -34.83
CA LEU B 392 4.62 5.79 -34.25
C LEU B 392 4.43 4.44 -33.56
N ASN B 393 5.46 3.62 -33.63
CA ASN B 393 5.45 2.31 -33.02
C ASN B 393 6.75 2.11 -32.26
N TYR B 394 6.63 1.47 -31.10
CA TYR B 394 7.74 1.23 -30.21
C TYR B 394 7.95 -0.26 -30.07
N ASN B 395 9.14 -0.73 -30.41
CA ASN B 395 9.52 -2.11 -30.20
C ASN B 395 10.20 -2.20 -28.84
N GLY B 396 9.58 -2.92 -27.91
CA GLY B 396 10.06 -2.94 -26.55
C GLY B 396 11.37 -3.66 -26.38
N THR B 397 11.66 -4.63 -27.24
CA THR B 397 12.93 -5.35 -27.12
C THR B 397 14.09 -4.53 -27.65
N SER B 398 13.91 -3.86 -28.78
CA SER B 398 14.94 -3.02 -29.37
C SER B 398 14.87 -1.56 -28.93
N GLN B 399 13.77 -1.14 -28.31
CA GLN B 399 13.60 0.23 -27.82
C GLN B 399 13.79 1.25 -28.94
N GLU B 400 13.16 0.98 -30.09
CA GLU B 400 13.24 1.85 -31.24
C GLU B 400 11.86 2.36 -31.62
N LEU B 401 11.78 3.64 -31.98
CA LEU B 401 10.56 4.27 -32.46
C LEU B 401 10.58 4.28 -33.99
N MET B 402 9.66 3.55 -34.60
CA MET B 402 9.54 3.45 -36.05
C MET B 402 8.28 4.16 -36.51
N ALA B 403 8.41 5.04 -37.51
CA ALA B 403 7.24 5.67 -38.09
C ALA B 403 6.39 4.63 -38.81
N VAL B 404 5.09 4.91 -38.90
CA VAL B 404 4.10 3.91 -39.31
C VAL B 404 3.37 4.44 -40.53
N SER B 405 3.45 3.68 -41.64
CA SER B 405 2.75 4.01 -42.88
C SER B 405 3.11 5.42 -43.36
N GLU B 406 4.38 5.78 -43.20
CA GLU B 406 4.90 7.05 -43.69
C GLU B 406 4.15 8.24 -43.10
N HIS B 407 3.57 8.07 -41.91
CA HIS B 407 2.88 9.18 -41.29
C HIS B 407 3.87 10.06 -40.54
N LYS B 408 3.43 11.28 -40.26
CA LYS B 408 4.21 12.22 -39.48
C LYS B 408 3.45 12.60 -38.22
N LEU B 409 4.19 12.96 -37.17
CA LEU B 409 3.58 13.40 -35.92
C LEU B 409 3.08 14.84 -36.08
N TYR B 410 1.76 15.04 -35.95
CA TYR B 410 1.16 16.35 -36.19
C TYR B 410 1.54 17.35 -35.11
N TRP B 411 2.04 18.53 -35.52
CA TRP B 411 2.37 19.64 -34.64
C TRP B 411 1.82 20.92 -35.25
N PRO B 412 1.12 21.75 -34.47
CA PRO B 412 0.62 23.02 -35.04
C PRO B 412 1.72 24.00 -35.39
N LEU B 413 2.89 23.88 -34.78
CA LEU B 413 4.03 24.76 -35.05
C LEU B 413 5.06 24.12 -35.96
N GLY B 414 4.77 22.95 -36.52
CA GLY B 414 5.71 22.23 -37.34
C GLY B 414 6.72 21.37 -36.59
N TYR B 415 6.93 21.65 -35.30
CA TYR B 415 7.80 20.82 -34.47
C TYR B 415 7.24 20.79 -33.05
N PRO B 416 7.61 19.80 -32.26
CA PRO B 416 7.03 19.67 -30.90
C PRO B 416 7.37 20.87 -30.04
N PRO B 417 6.44 21.31 -29.20
CA PRO B 417 6.71 22.45 -28.31
C PRO B 417 7.68 22.07 -27.21
N PRO B 418 8.41 23.04 -26.65
CA PRO B 418 9.41 22.72 -25.64
C PRO B 418 8.77 22.34 -24.31
N ASP B 419 9.43 21.41 -23.60
CA ASP B 419 8.90 20.96 -22.32
C ASP B 419 9.05 22.00 -21.22
N VAL B 420 9.72 23.12 -21.51
CA VAL B 420 9.81 24.25 -20.60
C VAL B 420 9.45 25.51 -21.39
N PRO B 421 8.57 26.38 -20.87
CA PRO B 421 8.14 27.55 -21.64
C PRO B 421 9.23 28.60 -21.81
N LYS B 422 8.86 29.75 -22.38
CA LYS B 422 9.79 30.82 -22.74
C LYS B 422 10.66 31.23 -21.56
N CYS B 423 10.14 32.13 -20.72
CA CYS B 423 10.90 32.70 -19.61
C CYS B 423 10.43 32.09 -18.29
N GLY B 424 10.62 30.78 -18.19
CA GLY B 424 10.16 30.02 -17.04
C GLY B 424 8.66 29.84 -17.05
N PHE B 425 8.14 29.10 -16.06
CA PHE B 425 6.71 28.85 -16.01
C PHE B 425 5.91 30.07 -15.57
N ASP B 426 6.54 31.01 -14.85
CA ASP B 426 5.86 32.25 -14.44
C ASP B 426 5.42 33.09 -15.65
N ARG C 4 13.81 4.73 -4.36
N ARG C 4 -10.68 10.67 1.72
CA ARG C 4 12.80 5.16 -3.40
CA ARG C 4 -9.64 10.35 0.74
C ARG C 4 11.91 6.26 -3.97
C ARG C 4 -8.37 11.16 1.00
N SER C 5 10.79 6.52 -3.30
N SER C 5 -7.28 10.76 0.36
CA SER C 5 9.91 7.63 -3.63
CA SER C 5 -6.03 11.51 0.39
C SER C 5 9.02 7.92 -2.44
C SER C 5 -5.15 11.04 -0.77
N SER C 6 8.64 9.19 -2.29
N SER C 6 -4.33 11.97 -1.28
CA SER C 6 7.74 9.57 -1.20
CA SER C 6 -3.42 11.62 -2.36
C SER C 6 6.34 9.01 -1.42
C SER C 6 -2.31 10.68 -1.88
N CYS C 7 5.95 8.80 -2.68
N CYS C 7 -1.97 10.73 -0.60
CA CYS C 7 4.61 8.36 -3.02
CA CYS C 7 -0.87 9.94 -0.05
C CYS C 7 4.55 6.97 -3.62
C CYS C 7 -1.31 8.91 0.96
N PHE C 8 5.55 6.58 -4.41
N PHE C 8 -2.33 9.17 1.77
CA PHE C 8 5.47 5.36 -5.20
CA PHE C 8 -2.68 8.34 2.89
C PHE C 8 6.52 4.35 -4.74
C PHE C 8 -4.06 7.70 2.70
N GLY C 9 6.21 3.07 -4.91
N GLY C 9 -4.24 6.53 3.29
CA GLY C 9 7.09 1.99 -4.52
CA GLY C 9 -5.49 5.79 3.19
C GLY C 9 6.80 1.39 -3.16
C GLY C 9 -5.53 4.73 2.10
N GLY C 10 5.83 1.90 -2.42
N GLY C 10 -4.47 4.59 1.31
CA GLY C 10 5.55 1.40 -1.09
CA GLY C 10 -4.46 3.63 0.23
C GLY C 10 4.53 0.28 -1.03
C GLY C 10 -3.95 2.24 0.60
N ARG C 11 4.99 -0.96 -1.23
N ARG C 11 -4.85 1.39 1.13
CA ARG C 11 4.19 -2.17 -1.05
CA ARG C 11 -4.58 -0.02 1.40
C ARG C 11 2.94 -2.21 -1.94
C ARG C 11 -3.41 -0.24 2.35
N MET C 12 2.19 -3.32 -1.87
N MET C 12 -3.10 -1.50 2.65
CA MET C 12 0.95 -3.45 -2.63
CA MET C 12 -1.98 -1.85 3.52
C MET C 12 -0.16 -4.03 -1.74
C MET C 12 -1.20 -3.05 2.94
N ASP C 13 -0.50 -3.32 -0.68
N ASP C 13 -0.67 -2.87 1.74
CA ASP C 13 -1.63 -3.65 0.18
CA ASP C 13 0.18 -3.86 1.11
C ASP C 13 -2.50 -2.41 0.29
C ASP C 13 1.43 -3.15 0.62
N ARG C 14 -3.82 -2.60 0.25
N ARG C 14 2.58 -3.77 0.85
CA ARG C 14 -4.71 -1.47 0.43
CA ARG C 14 3.84 -3.17 0.37
C ARG C 14 -4.55 -0.78 1.78
C ARG C 14 3.85 -2.95 -1.13
N ILE C 15 -3.79 -1.36 2.71
N ILE C 15 2.88 -3.47 -1.88
CA ILE C 15 -3.56 -0.69 3.97
CA ILE C 15 2.83 -3.19 -3.31
C ILE C 15 -2.67 0.53 3.78
C ILE C 15 2.48 -1.73 -3.56
N GLY C 16 -1.76 0.47 2.80
N GLY C 16 1.73 -1.12 -2.64
CA GLY C 16 -0.88 1.58 2.50
CA GLY C 16 1.31 0.26 -2.81
C GLY C 16 -1.42 2.60 1.53
C GLY C 16 2.22 1.25 -2.13
N ALA C 17 -2.70 2.55 1.19
N ALA C 17 3.42 0.81 -1.75
CA ALA C 17 -3.34 3.48 0.26
CA ALA C 17 4.42 1.66 -1.09
C ALA C 17 -4.61 4.06 0.86
C ALA C 17 5.77 1.51 -1.77
N GLN C 18 -4.55 4.42 2.14
N GLN C 18 5.77 1.47 -3.11
CA GLN C 18 -5.68 4.98 2.86
CA GLN C 18 7.00 1.33 -3.88
C GLN C 18 -5.64 6.50 2.96
C GLN C 18 7.54 2.63 -4.44
N SER C 19 -4.55 7.13 2.56
N SER C 19 6.82 3.74 -4.30
CA SER C 19 -4.46 8.59 2.63
CA SER C 19 7.29 5.00 -4.89
C SER C 19 -3.47 9.19 1.64
C SER C 19 6.65 6.20 -4.20
N GLY C 20 -2.76 8.38 0.86
N GLY C 20 5.73 5.96 -3.29
CA GLY C 20 -1.58 8.88 0.20
CA GLY C 20 4.86 7.04 -2.84
C GLY C 20 -0.54 9.27 1.21
C GLY C 20 4.00 7.48 -3.99
N LEU C 21 -0.41 10.58 1.44
N LEU C 21 4.35 8.62 -4.61
CA LEU C 21 0.39 11.19 2.50
CA LEU C 21 3.79 9.12 -5.86
C LEU C 21 1.82 11.40 2.02
C LEU C 21 2.57 9.99 -5.58
N GLY C 22 2.27 10.64 1.04
N GLY C 22 1.91 9.81 -4.45
CA GLY C 22 3.51 11.04 0.37
CA GLY C 22 0.95 10.82 -4.01
C GLY C 22 3.18 11.70 -0.95
C GLY C 22 1.58 11.68 -2.93
N CYS C 23 1.94 11.50 -1.40
N CYS C 23 2.66 11.16 -2.34
CA CYS C 23 1.51 11.79 -2.76
CA CYS C 23 3.26 11.69 -1.12
C CYS C 23 0.93 13.21 -2.86
C CYS C 23 4.31 12.75 -1.43
N ASN C 24 0.78 13.65 -4.11
N ASN C 24 4.72 13.47 -0.39
CA ASN C 24 0.14 14.93 -4.43
CA ASN C 24 5.80 14.44 -0.43
C ASN C 24 -1.28 14.61 -4.90
C ASN C 24 7.01 13.76 0.20
N SER C 25 -2.23 14.74 -4.00
N SER C 25 7.92 13.29 -0.64
CA SER C 25 -3.60 14.36 -4.32
CA SER C 25 9.03 12.52 -0.13
C SER C 25 -4.56 15.45 -3.86
C SER C 25 10.32 12.97 -0.82
N PHE C 26 -5.68 15.56 -4.58
N PHE C 26 11.41 12.86 -0.08
CA PHE C 26 -6.74 16.45 -4.18
CA PHE C 26 12.73 13.11 -0.65
C PHE C 26 -7.79 15.75 -3.33
C PHE C 26 13.39 11.85 -1.18
N ARG C 27 -7.84 14.42 -3.34
N ARG C 27 12.92 10.67 -0.77
CA ARG C 27 -8.77 13.67 -2.50
CA ARG C 27 13.44 9.41 -1.28
C ARG C 27 -8.17 13.51 -1.10
C ARG C 27 12.74 9.06 -2.59
N TYR C 28 -8.82 12.69 -0.28
N TYR C 28 12.99 7.84 -3.08
CA TYR C 28 -8.36 12.39 1.07
CA TYR C 28 12.36 7.32 -4.29
C TYR C 28 -8.27 13.65 1.96
C TYR C 28 12.70 8.14 -5.53
C1 NAG D . 14.30 -9.02 14.65
C2 NAG D . 15.53 -9.39 13.80
C3 NAG D . 16.37 -8.16 13.50
C4 NAG D . 15.51 -7.06 12.91
C5 NAG D . 14.35 -6.77 13.85
C6 NAG D . 13.41 -5.70 13.35
C7 NAG D . 16.16 -11.71 14.32
C8 NAG D . 17.10 -12.60 15.10
N2 NAG D . 16.34 -10.40 14.47
O3 NAG D . 17.43 -8.51 12.61
O4 NAG D . 16.28 -5.87 12.71
O5 NAG D . 13.58 -7.96 14.02
O6 NAG D . 12.26 -6.27 12.72
O7 NAG D . 15.29 -12.18 13.59
C1 NAG D . 16.46 -5.50 11.40
C2 NAG D . 17.25 -4.23 11.14
C3 NAG D . 17.21 -3.85 9.66
C4 NAG D . 17.60 -5.05 8.79
C5 NAG D . 16.75 -6.26 9.17
C6 NAG D . 17.12 -7.52 8.43
C7 NAG D . 17.09 -2.99 13.25
C8 NAG D . 16.48 -1.82 13.95
N2 NAG D . 16.75 -3.14 11.96
O3 NAG D . 18.09 -2.76 9.40
O4 NAG D . 17.42 -4.73 7.41
O5 NAG D . 16.93 -6.54 10.57
O6 NAG D . 15.98 -8.34 8.21
O7 NAG D . 17.87 -3.75 13.80
C1 MAN D . 17.46 -4.97 6.06
C2 MAN D . 18.15 -3.88 5.25
C3 MAN D . 17.76 -4.02 3.76
C4 MAN D . 17.62 -5.50 3.36
C5 MAN D . 16.41 -6.08 4.08
C6 MAN D . 16.45 -7.60 4.17
O2 MAN D . 19.57 -3.99 5.32
O3 MAN D . 18.68 -3.37 2.91
O4 MAN D . 17.43 -5.66 1.94
O5 MAN D . 16.29 -5.51 5.44
O6 MAN D . 17.81 -8.02 4.07
C1 NAG E . -10.92 9.09 31.71
C2 NAG E . -10.83 8.48 33.12
C3 NAG E . -11.94 7.46 33.33
C4 NAG E . -13.30 8.09 33.04
C5 NAG E . -13.28 8.63 31.61
C6 NAG E . -14.58 9.29 31.20
C7 NAG E . -8.57 8.41 34.09
C8 NAG E . -7.31 7.61 34.23
N2 NAG E . -9.53 7.86 33.36
O3 NAG E . -11.87 6.95 34.66
O4 NAG E . -14.33 7.11 33.16
O5 NAG E . -12.25 9.61 31.49
O6 NAG E . -15.15 10.05 32.24
O7 NAG E . -8.70 9.53 34.60
C1 NAG E . -15.05 7.10 34.32
C2 NAG E . -16.49 6.67 34.04
C3 NAG E . -17.29 6.61 35.33
C4 NAG E . -16.58 5.75 36.37
C5 NAG E . -15.12 6.20 36.53
C6 NAG E . -14.31 5.29 37.42
C7 NAG E . -17.46 7.22 31.85
C8 NAG E . -18.09 8.29 31.01
N2 NAG E . -17.12 7.58 33.09
O3 NAG E . -18.58 6.07 35.03
O4 NAG E . -17.25 5.87 37.62
O5 NAG E . -14.47 6.19 35.25
O6 NAG E . -12.97 5.15 36.95
O7 NAG E . -17.27 6.08 31.43
C1 MAN E . -18.31 5.07 38.01
C2 MAN E . -18.34 4.71 39.51
C3 MAN E . -19.44 3.65 39.81
C4 MAN E . -20.43 3.48 38.61
C5 MAN E . -19.66 3.09 37.33
C6 MAN E . -20.51 3.09 36.06
O2 MAN E . -18.62 5.86 40.34
O3 MAN E . -20.14 3.94 41.01
O4 MAN E . -21.37 2.46 38.89
O5 MAN E . -18.49 3.96 37.13
O6 MAN E . -21.25 4.30 35.99
C1 MAN E . -20.08 3.13 42.12
C2 MAN E . -21.36 3.42 42.93
C3 MAN E . -21.19 4.72 43.74
C4 MAN E . -19.86 4.74 44.53
C5 MAN E . -18.68 4.48 43.56
C6 MAN E . -17.34 4.41 44.26
O2 MAN E . -21.59 2.39 43.88
O3 MAN E . -22.30 4.96 44.61
O4 MAN E . -19.69 6.00 45.17
O5 MAN E . -18.89 3.22 42.89
O6 MAN E . -16.34 4.28 43.25
C1 NAG F . -17.59 -6.99 -12.02
C2 NAG F . -18.80 -6.59 -11.15
C3 NAG F . -19.09 -5.10 -11.29
C4 NAG F . -17.84 -4.27 -11.04
C5 NAG F . -16.73 -4.76 -11.96
C6 NAG F . -15.41 -4.04 -11.75
C7 NAG F . -20.26 -8.56 -10.97
C8 NAG F . -21.51 -9.22 -11.48
N2 NAG F . -19.97 -7.36 -11.51
O3 NAG F . -20.12 -4.72 -10.39
O4 NAG F . -18.08 -2.89 -11.29
O5 NAG F . -16.48 -6.14 -11.71
O6 NAG F . -14.56 -4.80 -10.91
O7 NAG F . -19.56 -9.07 -10.10
C1 NAG F . -18.02 -2.09 -10.18
C2 NAG F . -18.23 -0.58 -10.38
C3 NAG F . -17.94 0.17 -9.08
C4 NAG F . -18.72 -0.43 -7.92
C5 NAG F . -18.46 -1.93 -7.85
C6 NAG F . -19.24 -2.65 -6.78
C7 NAG F . -17.73 -0.23 -12.75
C8 NAG F . -16.75 0.33 -13.74
N2 NAG F . -17.40 -0.09 -11.46
O3 NAG F . -18.27 1.55 -9.23
O4 NAG F . -18.38 0.19 -6.68
O5 NAG F . -18.81 -2.55 -9.10
O6 NAG F . -18.53 -3.76 -6.26
O7 NAG F . -18.78 -0.76 -13.09
C1 MAN F . -18.35 0.44 -5.33
C2 MAN F . -18.49 1.91 -4.91
C3 MAN F . -18.10 2.08 -3.42
C4 MAN F . -18.51 0.85 -2.59
C5 MAN F . -17.65 -0.32 -3.03
C6 MAN F . -18.23 -1.68 -2.61
O2 MAN F . -19.84 2.36 -5.03
O3 MAN F . -18.65 3.26 -2.85
O4 MAN F . -18.32 1.09 -1.19
O5 MAN F . -17.45 -0.32 -4.50
O6 MAN F . -19.64 -1.53 -2.45
C1 NAG G . 11.52 -6.04 -32.24
C2 NAG G . 11.15 -6.97 -33.42
C3 NAG G . 11.78 -8.35 -33.21
C4 NAG G . 13.29 -8.21 -33.02
C5 NAG G . 13.56 -7.30 -31.83
C6 NAG G . 15.02 -7.08 -31.52
C7 NAG G . 8.98 -6.41 -34.43
C8 NAG G . 7.52 -6.72 -34.45
N2 NAG G . 9.71 -7.12 -33.57
O3 NAG G . 11.46 -9.19 -34.31
O4 NAG G . 13.88 -9.49 -32.76
O5 NAG G . 12.97 -6.02 -32.07
O6 NAG G . 15.81 -6.94 -32.70
O7 NAG G . 9.47 -5.53 -35.14
C1 NAG G . 14.44 -10.18 -33.81
C2 NAG G . 15.64 -10.99 -33.33
C3 NAG G . 16.26 -11.74 -34.50
C4 NAG G . 15.22 -12.54 -35.26
C5 NAG G . 14.03 -11.65 -35.63
C6 NAG G . 12.89 -12.41 -36.27
C7 NAG G . 16.83 -10.14 -31.36
C8 NAG G . 17.89 -9.20 -30.86
N2 NAG G . 16.62 -10.14 -32.68
O3 NAG G . 17.27 -12.61 -33.98
O4 NAG G . 15.80 -13.08 -36.45
O5 NAG G . 13.50 -11.02 -34.46
O6 NAG G . 11.62 -11.86 -35.89
O7 NAG G . 16.21 -10.89 -30.61
C1 MAN G . 16.47 -14.29 -36.50
C2 MAN G . 16.28 -15.07 -37.81
C3 MAN G . 16.89 -16.49 -37.70
C4 MAN G . 17.79 -16.66 -36.44
C5 MAN G . 17.00 -16.31 -35.16
C6 MAN G . 17.87 -16.24 -33.90
O2 MAN G . 16.94 -14.43 -38.92
O3 MAN G . 17.60 -16.85 -38.88
O4 MAN G . 18.25 -18.00 -36.33
O5 MAN G . 16.27 -15.05 -35.31
O6 MAN G . 19.03 -15.46 -34.18
C1 MAN G . 17.12 -17.89 -39.65
C2 MAN G . 18.37 -18.35 -40.43
C3 MAN G . 18.67 -17.38 -41.60
C4 MAN G . 17.39 -17.12 -42.44
C5 MAN G . 16.26 -16.60 -41.52
C6 MAN G . 14.95 -16.37 -42.24
O2 MAN G . 18.15 -19.63 -41.02
O3 MAN G . 19.73 -17.84 -42.42
O4 MAN G . 17.67 -16.16 -43.45
O5 MAN G . 16.01 -17.59 -40.49
O6 MAN G . 14.04 -15.79 -41.32
CL CL H . 3.25 -9.39 14.25
CL CL I . -7.42 -11.32 -10.78
#